data_6N4B
#
_entry.id   6N4B
#
_cell.length_a   1
_cell.length_b   1
_cell.length_c   1
_cell.angle_alpha   90.00
_cell.angle_beta   90.00
_cell.angle_gamma   90.00
#
_symmetry.space_group_name_H-M   'P 1'
#
loop_
_entity.id
_entity.type
_entity.pdbx_description
1 polymer 'Guanine nucleotide-binding protein G(i) subunit alpha-1'
2 polymer 'Guanine nucleotide-binding protein G(I)/G(S)/G(T) subunit beta-1'
3 polymer 'Guanine nucleotide-binding protein G(I)/G(S)/G(O) subunit gamma-2'
4 polymer 'Cannabinoid receptor 1'
5 polymer scFv16
6 non-polymer 'methyl N-{1-[(4-fluorophenyl)methyl]-1H-indazole-3-carbonyl}-3-methyl-L-valinate'
7 non-polymer CHOLESTEROL
#
loop_
_entity_poly.entity_id
_entity_poly.type
_entity_poly.pdbx_seq_one_letter_code
_entity_poly.pdbx_strand_id
1 'polypeptide(L)'
;MGCTLSAEDKAAVERSKMIDRNLREDGEKAAREVKLLLLGAGESGKSTIVKQMKIIHEAGYSEEECKQYKAVVYSNTIQS
IIAIIRAMGRLKIDFGDSARADDARQLFVLAGAAEEGFMTAELAGVIKRLWKDSGVQACFNRSREYQLNDSAAYYLNDLD
RIAQPNYIPTQQDVLRTRVKTTGIVETHFTFKDLHFKMFDVGGQRSERKKWIHCFEGVTAIIFCVALSDYDLVLAEDEEM
NRMHESMKLFDSICNNKWFTDTSIILFLNKKDLFEEKIKKSPLTICYPEYAGSNTYEEAAAYIQCQFEDLNKRKDTKEIY
THFTCATDTKNVQFVFDAVTDVIIKNNLKDCGLF
;
A
2 'polypeptide(L)'
;PGSSGSELDQLRQEAEQLKNQIRDARKACADATLSQITNNIDPVGRIQMRTRRTLRGHLAKIYAMHWGTDSRLLVSASQD
GKLIIWDSYTTNKVHAIPLRSSWVMTCAYAPSGNYVACGGLDNICSIYNLKTREGNVRVSRELAGHTGYLSCCRFLDDNQ
IVTSSGDTTCALWDIETGQQTTTFTGHTGDVMSLSLAPDTRLFVSGACDASAKLWDVREGMCRQTFTGHESDINAICFFP
NGNAFATGSDDATCRLFDLRADQELMTYSHDNIICGITSVSFSKSGRLLLAGYDDFNCNVWDALKADRAGVLAGHDNRVS
CLGVTDDGMAVATGSWDSFLKIWN
;
B
3 'polypeptide(L)' MASNNTASIAQARKLVEQLKMEANIDRIKVSKAAADLMAYCEAHAKEDPLLTPVPASENPFREKKFFCAIL C
4 'polypeptide(L)'
;DYKDDDDAMKSILDGLADTTFRTITTDLLYVGSNDIQYEDIKGDMASKLGYFPQKFPLTSFRGSPFQEKMTAGDNPQLVP
ADQVNITEFYNKSLSENLYFQGSFKENEENIQCGENFMDIECFMVLNPSQQLAIAVLSLTLGTFTVLENLLVLCVILHSR
SLRCRPSYHFIGSLAVADLLGSVIFVYSFIDFHVFHRKDSRNVFLFKLGGVTASFTASVGSLFLTAIDRYISIHRPLAYK
RIVTRPKAVVAFCLMWTIAIVIAVLPLLGWNCEKLQSVCSDIFPHIDETYLMFWIGVTSVLLLFIVYAYMYILWKAHSHA
VRMIQRGTQKSIIIHTSEDGKVQVTRPDQARMDIRLAKTLVLILVVLIICWGPLLAIMVYDVFGKMNKLIKTVFAFCSML
CLLNSTVNPIIYALRSKDLRHAFRSMFPSCEGTAQPLDNSMGDSDCLHKHANNAASVHRAAESCIKSTVKIAKVTMSVST
DTSAEALGSHHHHHH
;
R
5 'polypeptide(L)'
;DVQLVESGGGLVQPGGSRKLSCSASGFAFSSFGMHWVRQAPEKGLEWVAYISSGSGTIYYADTVKGRFTISRDDPKNTLF
LQMTSLRSEDTAMYYCVRSIYYYGSSPFDFWGQGTTLTVSSGGGGSGGGGSGGGGSDIVMTQATSSVPVTPGESVSISCR
SSKSLLHSNGNTYLYWFLQRPGQSPQLLIYRMSNLASGVPDRFSGSGSGTAFTLTISRLEAEDVGVYYCMQHLEYPLTFG
AGTKLELKAAAHHHHHHHH
;
S
#
loop_
_chem_comp.id
_chem_comp.type
_chem_comp.name
_chem_comp.formula
CLR non-polymer CHOLESTEROL 'C27 H46 O'
KCA non-polymer 'methyl N-{1-[(4-fluorophenyl)methyl]-1H-indazole-3-carbonyl}-3-methyl-L-valinate' 'C22 H24 F N3 O3'
#
# COMPACT_ATOMS: atom_id res chain seq x y z
N CYS A 3 10.60 -22.87 16.82
CA CYS A 3 9.50 -22.44 15.96
C CYS A 3 9.84 -22.83 14.53
N THR A 4 10.77 -23.78 14.40
CA THR A 4 11.26 -24.27 13.11
C THR A 4 11.83 -23.13 12.27
N LEU A 5 12.51 -22.19 12.93
CA LEU A 5 13.18 -21.10 12.23
C LEU A 5 14.63 -21.12 12.66
N SER A 6 15.53 -21.22 11.69
CA SER A 6 16.95 -21.24 12.02
C SER A 6 17.34 -19.88 12.60
N ALA A 7 18.49 -19.86 13.27
CA ALA A 7 18.92 -18.63 13.91
C ALA A 7 19.05 -17.49 12.92
N GLU A 8 19.59 -17.76 11.74
CA GLU A 8 19.69 -16.72 10.72
C GLU A 8 18.31 -16.26 10.26
N ASP A 9 17.33 -17.18 10.20
CA ASP A 9 15.98 -16.80 9.75
C ASP A 9 15.30 -15.83 10.70
N LYS A 10 15.53 -15.95 12.01
CA LYS A 10 14.89 -15.05 12.96
C LYS A 10 15.31 -13.60 12.75
N ALA A 11 16.59 -13.35 12.47
CA ALA A 11 17.00 -11.98 12.28
C ALA A 11 16.45 -11.36 11.01
N ALA A 12 15.95 -12.17 10.07
CA ALA A 12 15.33 -11.56 8.91
C ALA A 12 13.92 -11.10 9.23
N VAL A 13 13.30 -11.71 10.22
CA VAL A 13 12.01 -11.21 10.68
C VAL A 13 12.23 -9.98 11.53
N GLU A 14 13.30 -9.95 12.31
CA GLU A 14 13.56 -8.75 13.09
C GLU A 14 13.91 -7.58 12.18
N ARG A 15 14.52 -7.84 11.02
CA ARG A 15 14.70 -6.78 10.03
C ARG A 15 13.38 -6.32 9.44
N SER A 16 12.46 -7.25 9.17
CA SER A 16 11.20 -6.82 8.58
C SER A 16 10.35 -6.03 9.58
N LYS A 17 10.40 -6.39 10.86
CA LYS A 17 9.67 -5.62 11.85
C LYS A 17 10.41 -4.36 12.26
N MET A 18 11.69 -4.24 11.89
CA MET A 18 12.38 -2.96 12.00
C MET A 18 11.94 -2.03 10.88
N ILE A 19 11.66 -2.58 9.70
CA ILE A 19 11.24 -1.74 8.59
C ILE A 19 9.78 -1.31 8.71
N ASP A 20 8.92 -2.16 9.28
CA ASP A 20 7.53 -1.70 9.44
C ASP A 20 7.45 -0.50 10.38
N ARG A 21 8.39 -0.38 11.31
CA ARG A 21 8.40 0.79 12.17
C ARG A 21 8.74 2.03 11.36
N ASN A 22 9.70 1.93 10.45
CA ASN A 22 10.06 3.09 9.66
C ASN A 22 8.91 3.48 8.76
N LEU A 23 8.21 2.49 8.22
CA LEU A 23 7.11 2.78 7.30
C LEU A 23 6.01 3.56 8.01
N ARG A 24 5.57 3.11 9.19
CA ARG A 24 4.56 3.91 9.87
C ARG A 24 5.11 5.23 10.38
N GLU A 25 6.30 5.24 10.96
CA GLU A 25 6.85 6.46 11.53
C GLU A 25 7.09 7.54 10.48
N ASP A 26 7.22 7.16 9.20
CA ASP A 26 7.29 8.15 8.13
C ASP A 26 5.99 8.35 7.38
N GLY A 27 5.04 7.41 7.51
CA GLY A 27 3.71 7.64 6.97
C GLY A 27 2.82 8.46 7.88
N GLU A 28 3.20 8.61 9.14
CA GLU A 28 2.47 9.44 10.09
C GLU A 28 2.97 10.88 10.08
N LYS A 29 4.05 11.15 9.35
CA LYS A 29 4.57 12.49 9.18
C LYS A 29 4.24 13.05 7.80
N ALA A 30 3.66 12.23 6.92
CA ALA A 30 3.26 12.66 5.60
C ALA A 30 1.76 12.87 5.49
N ALA A 31 1.03 12.63 6.58
CA ALA A 31 -0.40 12.88 6.63
C ALA A 31 -0.75 14.18 7.33
N ARG A 32 0.24 14.82 7.95
CA ARG A 32 0.01 16.11 8.58
C ARG A 32 -0.06 17.22 7.55
N GLU A 33 0.64 17.07 6.44
CA GLU A 33 0.68 18.09 5.40
C GLU A 33 -0.60 18.08 4.60
N VAL A 34 -1.06 19.26 4.20
CA VAL A 34 -2.24 19.40 3.37
C VAL A 34 -1.77 19.62 1.94
N LYS A 35 -2.25 18.77 1.02
CA LYS A 35 -1.82 18.84 -0.36
C LYS A 35 -2.84 19.61 -1.18
N LEU A 36 -2.35 20.53 -2.02
CA LEU A 36 -3.17 21.33 -2.89
C LEU A 36 -2.71 21.13 -4.34
N LEU A 37 -3.61 21.38 -5.27
CA LEU A 37 -3.26 21.29 -6.68
C LEU A 37 -3.47 22.65 -7.31
N LEU A 38 -2.54 23.11 -8.14
CA LEU A 38 -2.67 24.45 -8.72
C LEU A 38 -2.81 24.34 -10.22
N LEU A 39 -3.94 24.79 -10.75
CA LEU A 39 -4.17 24.75 -12.18
C LEU A 39 -4.46 26.13 -12.73
N GLY A 40 -3.99 26.38 -13.94
CA GLY A 40 -4.16 27.68 -14.55
C GLY A 40 -3.89 27.59 -16.03
N ALA A 41 -4.35 28.61 -16.74
CA ALA A 41 -4.13 28.71 -18.17
C ALA A 41 -2.93 29.61 -18.43
N GLY A 42 -2.41 29.53 -19.66
CA GLY A 42 -1.24 30.31 -19.99
C GLY A 42 -1.51 31.80 -19.82
N GLU A 43 -0.54 32.49 -19.21
CA GLU A 43 -0.63 33.92 -18.95
C GLU A 43 -1.88 34.28 -18.15
N SER A 44 -2.21 33.44 -17.17
CA SER A 44 -3.33 33.70 -16.26
C SER A 44 -2.87 34.33 -14.95
N GLY A 45 -1.61 34.13 -14.59
CA GLY A 45 -1.04 34.68 -13.38
C GLY A 45 -0.85 33.68 -12.26
N LYS A 46 -0.44 32.46 -12.63
CA LYS A 46 -0.13 31.47 -11.61
C LYS A 46 1.12 31.86 -10.84
N SER A 47 2.10 32.42 -11.54
CA SER A 47 3.37 32.77 -10.93
C SER A 47 3.19 33.79 -9.82
N THR A 48 2.28 34.74 -9.98
CA THR A 48 2.12 35.76 -8.96
C THR A 48 1.72 35.16 -7.63
N ILE A 49 0.75 34.24 -7.62
CA ILE A 49 0.43 33.63 -6.35
C ILE A 49 1.48 32.60 -5.93
N VAL A 50 2.21 32.02 -6.89
CA VAL A 50 3.35 31.19 -6.52
C VAL A 50 4.47 32.02 -5.90
N LYS A 51 4.73 33.19 -6.48
CA LYS A 51 5.76 34.09 -5.97
C LYS A 51 5.30 34.95 -4.81
N GLN A 52 4.02 34.82 -4.48
CA GLN A 52 3.39 35.50 -3.37
C GLN A 52 3.74 34.95 -1.99
N MET A 53 3.83 33.63 -1.92
CA MET A 53 4.02 32.85 -0.70
C MET A 53 5.23 31.97 -0.89
N LYS A 54 6.31 32.30 -0.20
CA LYS A 54 7.56 31.54 -0.30
C LYS A 54 7.97 31.28 -1.76
N THR A 182 9.84 19.70 -17.91
CA THR A 182 10.41 19.16 -16.68
C THR A 182 9.43 18.27 -15.92
N GLY A 183 9.26 18.50 -14.64
CA GLY A 183 8.36 17.64 -13.93
C GLY A 183 7.12 18.33 -13.46
N ILE A 184 6.72 17.89 -12.29
CA ILE A 184 5.61 18.46 -11.59
C ILE A 184 6.38 19.28 -10.58
N VAL A 185 6.20 20.60 -10.56
CA VAL A 185 6.91 21.41 -9.59
C VAL A 185 6.22 21.27 -8.26
N GLU A 186 6.92 21.43 -7.15
CA GLU A 186 6.28 21.27 -5.85
C GLU A 186 6.67 22.47 -4.99
N THR A 187 5.79 22.88 -4.10
CA THR A 187 6.08 24.04 -3.27
C THR A 187 5.59 23.79 -1.85
N HIS A 188 6.35 24.26 -0.86
CA HIS A 188 6.02 24.11 0.54
C HIS A 188 5.83 25.48 1.17
N PHE A 189 4.73 25.66 1.89
CA PHE A 189 4.60 26.91 2.64
C PHE A 189 3.84 26.65 3.92
N THR A 190 4.20 27.37 4.98
CA THR A 190 3.59 27.19 6.29
C THR A 190 2.99 28.49 6.79
N PHE A 191 1.76 28.40 7.29
CA PHE A 191 1.07 29.55 7.82
C PHE A 191 0.38 29.16 9.12
N LYS A 192 0.68 29.88 10.20
CA LYS A 192 0.03 29.72 11.49
C LYS A 192 -0.02 28.27 11.98
N ASP A 193 1.14 27.62 11.97
CA ASP A 193 1.32 26.24 12.43
C ASP A 193 0.67 25.17 11.54
N LEU A 194 0.80 25.29 10.23
CA LEU A 194 0.25 24.27 9.34
C LEU A 194 1.14 24.22 8.11
N HIS A 195 1.22 23.06 7.47
CA HIS A 195 2.08 22.88 6.32
C HIS A 195 1.27 22.54 5.08
N PHE A 196 1.47 23.32 4.02
CA PHE A 196 0.76 23.09 2.77
C PHE A 196 1.81 22.76 1.72
N LYS A 197 1.38 21.98 0.73
CA LYS A 197 2.21 21.60 -0.40
C LYS A 197 1.37 21.80 -1.64
N MET A 198 1.84 22.65 -2.55
CA MET A 198 1.13 22.88 -3.79
C MET A 198 1.86 22.20 -4.93
N PHE A 199 1.10 21.77 -5.92
CA PHE A 199 1.70 21.09 -7.08
C PHE A 199 1.31 21.85 -8.33
N ASP A 200 2.27 22.60 -8.89
CA ASP A 200 2.10 23.26 -10.18
C ASP A 200 2.46 22.26 -11.28
N VAL A 201 1.47 21.85 -12.06
CA VAL A 201 1.60 20.75 -13.00
C VAL A 201 1.50 21.21 -14.45
N GLY A 202 1.36 22.51 -14.69
CA GLY A 202 1.09 23.00 -16.03
C GLY A 202 2.21 22.84 -17.04
N GLY A 203 3.39 22.40 -16.61
CA GLY A 203 4.44 22.21 -17.59
C GLY A 203 4.52 20.81 -18.18
N GLN A 204 3.53 19.97 -17.92
CA GLN A 204 3.55 18.61 -18.45
C GLN A 204 3.46 18.61 -19.97
N ARG A 205 2.52 19.39 -20.51
CA ARG A 205 2.28 19.51 -21.95
C ARG A 205 1.99 18.17 -22.64
N SER A 206 1.26 17.29 -21.96
CA SER A 206 0.86 16.01 -22.53
C SER A 206 -0.61 15.78 -22.20
N GLU A 207 -1.17 14.69 -22.72
CA GLU A 207 -2.57 14.38 -22.49
C GLU A 207 -2.85 14.25 -21.00
N ARG A 208 -3.93 14.88 -20.54
CA ARG A 208 -4.23 14.89 -19.11
C ARG A 208 -5.07 13.69 -18.67
N LYS A 209 -5.67 12.96 -19.60
CA LYS A 209 -6.48 11.81 -19.20
C LYS A 209 -5.64 10.71 -18.56
N LYS A 210 -4.45 10.47 -19.10
CA LYS A 210 -3.59 9.40 -18.59
C LYS A 210 -3.06 9.63 -17.18
N TRP A 211 -2.67 10.85 -16.82
CA TRP A 211 -2.10 11.02 -15.49
C TRP A 211 -2.92 11.81 -14.48
N ILE A 212 -4.13 12.25 -14.78
CA ILE A 212 -4.80 13.05 -13.75
C ILE A 212 -5.46 12.19 -12.68
N HIS A 213 -5.66 10.91 -12.91
CA HIS A 213 -6.29 10.11 -11.87
C HIS A 213 -5.31 9.76 -10.76
N CYS A 214 -4.06 10.14 -10.92
CA CYS A 214 -3.10 10.06 -9.84
C CYS A 214 -3.38 11.07 -8.74
N PHE A 215 -4.17 12.11 -9.02
CA PHE A 215 -4.33 13.21 -8.08
C PHE A 215 -5.53 13.14 -7.13
N GLU A 216 -6.18 12.00 -6.93
CA GLU A 216 -7.26 12.07 -5.95
C GLU A 216 -6.71 11.94 -4.55
N GLY A 217 -7.45 12.52 -3.60
CA GLY A 217 -6.94 12.76 -2.28
C GLY A 217 -6.33 14.12 -2.07
N VAL A 218 -6.14 14.89 -3.12
CA VAL A 218 -5.74 16.28 -2.93
C VAL A 218 -6.87 16.99 -2.23
N THR A 219 -6.53 17.84 -1.27
CA THR A 219 -7.56 18.47 -0.46
C THR A 219 -8.39 19.44 -1.26
N ALA A 220 -7.75 20.27 -2.09
CA ALA A 220 -8.48 21.26 -2.86
C ALA A 220 -7.72 21.63 -4.12
N ILE A 221 -8.48 21.97 -5.15
CA ILE A 221 -7.95 22.44 -6.42
C ILE A 221 -8.02 23.96 -6.39
N ILE A 222 -6.94 24.62 -6.74
CA ILE A 222 -6.89 26.07 -6.79
C ILE A 222 -6.82 26.46 -8.24
N PHE A 223 -7.83 27.16 -8.72
CA PHE A 223 -7.88 27.60 -10.10
C PHE A 223 -7.71 29.11 -10.09
N CYS A 224 -7.15 29.68 -11.15
CA CYS A 224 -6.89 31.11 -11.15
C CYS A 224 -7.16 31.67 -12.53
N VAL A 225 -7.84 32.81 -12.58
CA VAL A 225 -8.25 33.42 -13.85
C VAL A 225 -7.82 34.88 -13.87
N ALA A 226 -7.18 35.29 -14.95
CA ALA A 226 -6.87 36.70 -15.14
C ALA A 226 -8.09 37.44 -15.65
N LEU A 227 -8.36 38.61 -15.08
CA LEU A 227 -9.46 39.43 -15.57
C LEU A 227 -8.99 40.50 -16.53
N SER A 228 -7.68 40.67 -16.65
CA SER A 228 -7.14 41.63 -17.61
C SER A 228 -7.47 41.20 -19.03
N ASP A 229 -7.42 39.91 -19.28
CA ASP A 229 -7.68 39.35 -20.60
C ASP A 229 -9.08 38.77 -20.70
N TYR A 230 -10.01 39.56 -21.22
CA TYR A 230 -11.33 39.04 -21.54
C TYR A 230 -11.60 39.23 -23.01
N ASP A 231 -11.15 40.36 -23.55
CA ASP A 231 -11.25 40.68 -24.97
C ASP A 231 -10.19 39.94 -25.78
N LEU A 232 -8.99 39.80 -25.26
CA LEU A 232 -7.82 39.41 -26.06
C LEU A 232 -8.01 38.06 -26.73
N MET A 240 -7.77 33.03 -29.86
CA MET A 240 -8.59 34.17 -30.25
C MET A 240 -9.07 34.92 -29.02
N ASN A 241 -9.93 34.26 -28.23
CA ASN A 241 -10.44 34.78 -26.98
C ASN A 241 -10.07 33.80 -25.87
N ARG A 242 -9.24 34.24 -24.93
CA ARG A 242 -8.75 33.35 -23.88
C ARG A 242 -9.86 32.91 -22.92
N MET A 243 -10.80 33.80 -22.60
CA MET A 243 -11.77 33.49 -21.56
C MET A 243 -12.55 32.22 -21.85
N HIS A 244 -12.99 32.02 -23.10
CA HIS A 244 -13.69 30.81 -23.43
C HIS A 244 -12.81 29.59 -23.23
N GLU A 245 -11.51 29.72 -23.50
CA GLU A 245 -10.61 28.60 -23.24
C GLU A 245 -10.56 28.31 -21.75
N SER A 246 -10.55 29.37 -20.95
CA SER A 246 -10.57 29.21 -19.50
C SER A 246 -11.83 28.51 -19.06
N MET A 247 -12.96 28.93 -19.63
CA MET A 247 -14.25 28.37 -19.24
C MET A 247 -14.29 26.89 -19.58
N LYS A 248 -13.78 26.51 -20.75
CA LYS A 248 -13.85 25.11 -21.13
C LYS A 248 -12.85 24.25 -20.35
N LEU A 249 -11.75 24.84 -19.86
CA LEU A 249 -10.87 24.06 -18.99
C LEU A 249 -11.47 23.89 -17.59
N PHE A 250 -12.06 24.95 -17.05
CA PHE A 250 -12.66 24.86 -15.74
C PHE A 250 -13.89 23.97 -15.77
N ASP A 251 -14.51 23.85 -16.93
CA ASP A 251 -15.67 22.99 -17.05
C ASP A 251 -15.25 21.54 -17.19
N SER A 252 -14.18 21.27 -17.94
CA SER A 252 -13.72 19.89 -18.06
C SER A 252 -13.24 19.36 -16.72
N ILE A 253 -12.42 20.14 -16.01
CA ILE A 253 -11.92 19.68 -14.72
C ILE A 253 -13.02 19.61 -13.67
N CYS A 254 -13.96 20.56 -13.68
CA CYS A 254 -14.95 20.60 -12.60
C CYS A 254 -15.83 19.37 -12.55
N ASN A 255 -16.19 18.80 -13.70
CA ASN A 255 -17.14 17.69 -13.74
C ASN A 255 -16.48 16.33 -13.98
N ASN A 256 -15.19 16.18 -13.66
CA ASN A 256 -14.48 14.95 -13.91
C ASN A 256 -14.92 13.95 -12.84
N LYS A 257 -14.81 12.64 -13.11
CA LYS A 257 -15.21 11.63 -12.11
C LYS A 257 -14.27 11.59 -10.91
N TRP A 258 -12.96 11.73 -11.13
CA TRP A 258 -12.04 11.68 -9.98
C TRP A 258 -12.28 12.81 -9.01
N PHE A 259 -12.64 13.99 -9.51
CA PHE A 259 -12.79 15.16 -8.66
C PHE A 259 -14.24 15.41 -8.27
N THR A 260 -15.04 14.36 -8.14
CA THR A 260 -16.43 14.55 -7.73
C THR A 260 -16.53 15.09 -6.31
N ASP A 261 -15.59 14.73 -5.44
CA ASP A 261 -15.65 15.14 -4.04
C ASP A 261 -14.96 16.47 -3.77
N THR A 262 -13.82 16.73 -4.41
CA THR A 262 -12.94 17.81 -3.97
C THR A 262 -13.52 19.16 -4.35
N SER A 263 -13.15 20.18 -3.58
CA SER A 263 -13.64 21.53 -3.76
C SER A 263 -12.59 22.43 -4.41
N ILE A 264 -13.08 23.51 -5.02
CA ILE A 264 -12.29 24.39 -5.87
C ILE A 264 -12.23 25.76 -5.23
N ILE A 265 -11.03 26.33 -5.16
CA ILE A 265 -10.80 27.69 -4.69
C ILE A 265 -10.46 28.54 -5.91
N LEU A 266 -11.35 29.43 -6.29
CA LEU A 266 -11.22 30.19 -7.53
C LEU A 266 -10.68 31.59 -7.27
N PHE A 267 -9.46 31.86 -7.70
CA PHE A 267 -8.97 33.23 -7.68
C PHE A 267 -9.29 33.92 -8.98
N LEU A 268 -9.45 35.24 -8.91
CA LEU A 268 -9.75 36.05 -10.09
C LEU A 268 -8.85 37.27 -9.94
N ASN A 269 -7.66 37.20 -10.52
CA ASN A 269 -6.61 38.14 -10.19
C ASN A 269 -6.40 39.19 -11.27
N LYS A 270 -5.40 40.04 -11.03
CA LYS A 270 -5.03 41.15 -11.89
C LYS A 270 -6.20 42.09 -12.13
N LYS A 271 -6.87 42.48 -11.05
CA LYS A 271 -8.00 43.39 -11.18
C LYS A 271 -7.59 44.86 -11.26
N ASP A 272 -6.31 45.16 -11.11
CA ASP A 272 -5.87 46.55 -11.21
C ASP A 272 -5.84 47.04 -12.65
N LEU A 273 -5.64 46.15 -13.63
CA LEU A 273 -5.83 46.53 -15.02
C LEU A 273 -7.27 46.34 -15.47
N PHE A 274 -7.99 45.43 -14.82
CA PHE A 274 -9.39 45.22 -15.15
C PHE A 274 -10.23 46.38 -14.71
N GLU A 275 -9.75 47.17 -13.76
CA GLU A 275 -10.47 48.41 -13.47
C GLU A 275 -10.34 49.40 -14.61
N GLU A 276 -9.22 49.40 -15.33
CA GLU A 276 -9.05 50.35 -16.41
C GLU A 276 -9.65 49.91 -17.74
N LYS A 277 -9.69 48.60 -18.03
CA LYS A 277 -10.23 48.19 -19.32
C LYS A 277 -11.75 48.29 -19.43
N ILE A 278 -12.48 48.44 -18.32
CA ILE A 278 -13.94 48.44 -18.40
C ILE A 278 -14.45 49.61 -19.22
N LYS A 279 -13.96 50.82 -18.95
CA LYS A 279 -14.46 51.98 -19.66
C LYS A 279 -14.03 51.98 -21.12
N LYS A 280 -12.74 51.74 -21.38
CA LYS A 280 -12.25 51.79 -22.76
C LYS A 280 -12.79 50.63 -23.58
N SER A 281 -12.82 49.42 -23.02
CA SER A 281 -13.28 48.24 -23.74
C SER A 281 -14.51 47.66 -23.05
N PRO A 282 -15.69 47.69 -23.67
CA PRO A 282 -16.89 47.24 -22.96
C PRO A 282 -16.93 45.74 -22.77
N LEU A 283 -17.69 45.32 -21.76
CA LEU A 283 -17.86 43.90 -21.43
C LEU A 283 -18.57 43.12 -22.53
N THR A 284 -19.34 43.79 -23.38
CA THR A 284 -20.13 43.10 -24.40
C THR A 284 -19.28 42.28 -25.36
N ILE A 285 -17.97 42.56 -25.44
CA ILE A 285 -17.10 41.79 -26.33
C ILE A 285 -17.16 40.31 -26.03
N CYS A 286 -17.23 39.91 -24.75
CA CYS A 286 -17.36 38.48 -24.49
C CYS A 286 -18.77 37.97 -24.81
N TYR A 287 -19.80 38.67 -24.34
CA TYR A 287 -21.21 38.39 -24.58
C TYR A 287 -22.06 39.62 -24.86
N PRO A 288 -22.62 39.70 -26.06
CA PRO A 288 -23.52 40.80 -26.40
C PRO A 288 -24.80 40.77 -25.58
N GLU A 289 -25.27 39.57 -25.23
CA GLU A 289 -26.55 39.41 -24.56
C GLU A 289 -26.61 40.14 -23.23
N TYR A 290 -25.53 40.17 -22.46
CA TYR A 290 -25.63 40.74 -21.12
C TYR A 290 -26.13 42.18 -21.16
N ALA A 291 -27.23 42.42 -20.44
CA ALA A 291 -27.87 43.73 -20.40
C ALA A 291 -27.07 44.77 -19.61
N GLY A 292 -26.49 44.36 -18.48
CA GLY A 292 -26.23 45.30 -17.40
C GLY A 292 -25.20 46.34 -17.77
N SER A 293 -25.24 47.46 -17.05
CA SER A 293 -24.32 48.55 -17.32
C SER A 293 -22.90 48.18 -16.92
N ASN A 294 -21.93 48.86 -17.51
CA ASN A 294 -20.54 48.53 -17.29
C ASN A 294 -19.95 49.29 -16.10
N THR A 295 -20.01 48.66 -14.94
CA THR A 295 -19.39 49.15 -13.73
C THR A 295 -18.44 48.06 -13.24
N TYR A 296 -17.44 48.46 -12.46
CA TYR A 296 -16.47 47.49 -11.96
C TYR A 296 -17.16 46.46 -11.06
N GLU A 297 -18.00 46.94 -10.15
CA GLU A 297 -18.78 46.08 -9.27
C GLU A 297 -19.86 45.32 -10.03
N GLU A 298 -20.43 45.93 -11.06
CA GLU A 298 -21.55 45.31 -11.76
C GLU A 298 -21.08 44.30 -12.78
N ALA A 299 -19.88 44.46 -13.31
CA ALA A 299 -19.36 43.50 -14.28
C ALA A 299 -18.68 42.32 -13.60
N ALA A 300 -17.85 42.58 -12.58
CA ALA A 300 -17.08 41.48 -12.02
C ALA A 300 -17.96 40.50 -11.26
N ALA A 301 -19.09 40.95 -10.71
CA ALA A 301 -20.01 40.01 -10.06
C ALA A 301 -20.73 39.16 -11.10
N TYR A 302 -21.06 39.75 -12.25
CA TYR A 302 -21.71 38.95 -13.27
C TYR A 302 -20.77 37.87 -13.79
N ILE A 303 -19.51 38.23 -13.99
CA ILE A 303 -18.54 37.23 -14.43
C ILE A 303 -18.45 36.12 -13.39
N GLN A 304 -18.46 36.51 -12.11
CA GLN A 304 -18.38 35.51 -11.07
C GLN A 304 -19.55 34.54 -11.17
N CYS A 305 -20.75 35.05 -11.44
CA CYS A 305 -21.88 34.14 -11.60
C CYS A 305 -21.78 33.32 -12.88
N GLN A 306 -21.04 33.79 -13.88
CA GLN A 306 -20.75 32.95 -15.04
C GLN A 306 -19.86 31.78 -14.67
N PHE A 307 -18.91 31.98 -13.76
CA PHE A 307 -18.07 30.85 -13.38
C PHE A 307 -18.75 29.91 -12.39
N GLU A 308 -19.45 30.45 -11.40
CA GLU A 308 -20.04 29.59 -10.38
C GLU A 308 -21.22 28.77 -10.87
N ASP A 309 -21.73 29.00 -12.08
CA ASP A 309 -22.87 28.26 -12.60
C ASP A 309 -22.48 27.14 -13.54
N LEU A 310 -21.27 26.62 -13.43
CA LEU A 310 -20.82 25.56 -14.31
C LEU A 310 -20.77 24.20 -13.65
N ASN A 311 -20.90 24.12 -12.33
CA ASN A 311 -20.79 22.84 -11.64
C ASN A 311 -22.14 22.15 -11.46
N LYS A 312 -22.23 20.94 -12.01
CA LYS A 312 -23.43 20.13 -11.86
C LYS A 312 -23.62 19.72 -10.40
N ARG A 313 -22.52 19.47 -9.70
CA ARG A 313 -22.54 18.95 -8.32
C ARG A 313 -22.75 20.08 -7.29
N LYS A 314 -23.98 20.61 -7.25
CA LYS A 314 -24.26 21.66 -6.28
C LYS A 314 -24.16 21.14 -4.85
N ASP A 315 -24.75 19.97 -4.60
CA ASP A 315 -24.76 19.33 -3.29
C ASP A 315 -23.39 18.85 -2.84
N THR A 316 -22.65 18.19 -3.72
CA THR A 316 -21.35 17.61 -3.35
C THR A 316 -20.26 18.65 -3.08
N LYS A 317 -20.19 19.74 -3.86
CA LYS A 317 -19.04 20.63 -3.69
C LYS A 317 -19.44 22.09 -3.86
N GLU A 318 -18.58 22.96 -3.34
CA GLU A 318 -18.75 24.41 -3.37
C GLU A 318 -17.51 25.08 -3.94
N ILE A 319 -17.65 26.36 -4.27
CA ILE A 319 -16.58 27.16 -4.86
C ILE A 319 -16.39 28.42 -4.03
N TYR A 320 -15.14 28.72 -3.67
CA TYR A 320 -14.83 29.80 -2.75
C TYR A 320 -14.09 30.89 -3.53
N THR A 321 -14.83 31.78 -4.18
CA THR A 321 -14.24 32.79 -5.03
C THR A 321 -13.66 33.93 -4.22
N HIS A 322 -12.66 34.60 -4.80
CA HIS A 322 -12.00 35.71 -4.11
C HIS A 322 -11.28 36.58 -5.13
N PHE A 323 -11.59 37.88 -5.12
CA PHE A 323 -10.92 38.84 -5.99
C PHE A 323 -9.58 39.24 -5.41
N THR A 324 -8.55 39.32 -6.24
CA THR A 324 -7.23 39.73 -5.79
C THR A 324 -6.53 40.58 -6.82
N CYS A 325 -5.86 41.64 -6.37
CA CYS A 325 -5.07 42.46 -7.29
C CYS A 325 -3.65 41.90 -7.28
N ALA A 326 -2.70 42.63 -7.88
CA ALA A 326 -1.33 42.14 -7.93
C ALA A 326 -0.73 41.92 -6.54
N THR A 327 -0.98 42.84 -5.62
CA THR A 327 -0.47 42.74 -4.24
C THR A 327 -1.62 42.67 -3.25
N ASP A 328 -1.64 41.61 -2.44
CA ASP A 328 -2.62 41.37 -1.39
C ASP A 328 -1.98 40.48 -0.35
N THR A 329 -1.74 41.02 0.85
CA THR A 329 -1.17 40.21 1.91
C THR A 329 -2.14 39.12 2.35
N LYS A 330 -3.44 39.41 2.29
CA LYS A 330 -4.50 38.53 2.78
C LYS A 330 -4.71 37.26 1.97
N ASN A 331 -4.04 37.08 0.83
CA ASN A 331 -4.32 35.92 -0.01
C ASN A 331 -4.11 34.61 0.72
N VAL A 332 -3.05 34.47 1.49
CA VAL A 332 -2.81 33.17 2.09
C VAL A 332 -3.81 32.91 3.21
N GLN A 333 -4.37 33.96 3.81
CA GLN A 333 -5.35 33.74 4.86
C GLN A 333 -6.66 33.24 4.29
N PHE A 334 -6.96 33.53 3.02
CA PHE A 334 -8.19 32.99 2.46
C PHE A 334 -8.07 31.50 2.17
N VAL A 335 -6.87 31.04 1.83
CA VAL A 335 -6.68 29.61 1.65
C VAL A 335 -6.71 28.91 3.00
N PHE A 336 -6.05 29.50 4.00
CA PHE A 336 -6.11 28.89 5.32
C PHE A 336 -7.50 28.97 5.93
N ASP A 337 -8.31 29.94 5.50
CA ASP A 337 -9.68 30.08 5.96
C ASP A 337 -10.63 29.14 5.26
N ALA A 338 -10.27 28.65 4.07
CA ALA A 338 -11.19 27.78 3.33
C ALA A 338 -10.83 26.31 3.46
N VAL A 339 -9.56 25.99 3.71
CA VAL A 339 -9.24 24.59 3.88
C VAL A 339 -9.81 24.07 5.19
N THR A 340 -9.95 24.93 6.21
CA THR A 340 -10.58 24.46 7.43
C THR A 340 -12.06 24.20 7.26
N ASP A 341 -12.73 24.96 6.39
CA ASP A 341 -14.11 24.62 6.06
C ASP A 341 -14.18 23.30 5.30
N VAL A 342 -13.15 22.98 4.52
CA VAL A 342 -13.24 21.74 3.76
C VAL A 342 -12.97 20.57 4.69
N ILE A 343 -12.01 20.73 5.60
CA ILE A 343 -11.66 19.64 6.49
C ILE A 343 -12.78 19.38 7.48
N ILE A 344 -13.44 20.43 7.97
CA ILE A 344 -14.56 20.19 8.89
C ILE A 344 -15.73 19.57 8.15
N LYS A 345 -16.01 20.01 6.93
CA LYS A 345 -17.13 19.37 6.26
C LYS A 345 -16.80 17.97 5.76
N ASN A 346 -15.54 17.55 5.79
CA ASN A 346 -15.29 16.13 5.57
C ASN A 346 -15.25 15.32 6.85
N ASN A 347 -14.86 15.93 7.97
CA ASN A 347 -14.89 15.20 9.23
C ASN A 347 -16.30 15.02 9.75
N LEU A 348 -17.25 15.86 9.33
CA LEU A 348 -18.63 15.66 9.74
C LEU A 348 -19.38 14.87 8.70
N LYS A 349 -18.67 14.33 7.73
CA LYS A 349 -19.21 13.38 6.76
C LYS A 349 -18.67 11.98 6.96
N ASP A 350 -17.43 11.86 7.43
CA ASP A 350 -16.82 10.55 7.64
C ASP A 350 -17.56 9.73 8.68
N CYS A 351 -18.13 10.36 9.70
CA CYS A 351 -18.84 9.64 10.76
C CYS A 351 -20.34 9.66 10.58
N GLY A 352 -20.84 10.10 9.43
CA GLY A 352 -22.26 10.07 9.14
C GLY A 352 -23.10 11.09 9.87
N LEU A 353 -22.48 12.10 10.47
CA LEU A 353 -23.24 13.10 11.19
C LEU A 353 -24.04 13.99 10.26
N PHE A 354 -23.61 14.10 9.01
CA PHE A 354 -24.30 14.91 8.03
C PHE A 354 -25.11 13.98 7.17
N GLU B 7 4.12 18.02 -54.12
CA GLU B 7 3.56 18.74 -52.99
C GLU B 7 2.90 17.77 -52.00
N LEU B 8 2.21 18.32 -51.01
CA LEU B 8 1.52 17.50 -50.03
C LEU B 8 0.40 16.67 -50.66
N ASP B 9 -0.28 17.22 -51.67
CA ASP B 9 -1.39 16.52 -52.28
C ASP B 9 -0.96 15.23 -52.96
N GLN B 10 0.13 15.26 -53.74
CA GLN B 10 0.56 14.04 -54.42
C GLN B 10 1.02 12.96 -53.44
N LEU B 11 1.82 13.33 -52.44
CA LEU B 11 2.33 12.33 -51.50
C LEU B 11 1.21 11.74 -50.65
N ARG B 12 0.27 12.56 -50.22
CA ARG B 12 -0.85 12.01 -49.45
C ARG B 12 -1.71 11.10 -50.33
N GLN B 13 -1.83 11.41 -51.62
CA GLN B 13 -2.56 10.52 -52.51
C GLN B 13 -1.84 9.18 -52.59
N GLU B 14 -0.51 9.20 -52.66
CA GLU B 14 0.26 7.96 -52.73
C GLU B 14 0.07 7.12 -51.48
N ALA B 15 -0.06 7.77 -50.33
CA ALA B 15 -0.22 7.02 -49.09
C ALA B 15 -1.45 6.11 -49.11
N GLU B 16 -2.56 6.60 -49.68
CA GLU B 16 -3.76 5.78 -49.79
C GLU B 16 -3.51 4.53 -50.63
N GLN B 17 -2.69 4.65 -51.67
CA GLN B 17 -2.40 3.49 -52.51
C GLN B 17 -1.52 2.50 -51.77
N LEU B 18 -0.53 2.99 -51.03
CA LEU B 18 0.32 2.05 -50.29
C LEU B 18 -0.45 1.35 -49.18
N LYS B 19 -1.32 2.06 -48.49
CA LYS B 19 -2.12 1.43 -47.44
C LYS B 19 -3.34 0.70 -47.99
N ASN B 20 -3.55 0.71 -49.30
CA ASN B 20 -4.47 -0.22 -49.93
C ASN B 20 -3.75 -1.39 -50.56
N GLN B 21 -2.45 -1.25 -50.81
CA GLN B 21 -1.65 -2.38 -51.21
C GLN B 21 -1.40 -3.30 -50.03
N ILE B 22 -1.31 -2.75 -48.83
CA ILE B 22 -1.07 -3.59 -47.66
C ILE B 22 -2.31 -4.42 -47.33
N ARG B 23 -3.48 -3.79 -47.33
CA ARG B 23 -4.70 -4.51 -46.95
C ARG B 23 -5.07 -5.60 -47.94
N ASP B 24 -4.70 -5.45 -49.21
CA ASP B 24 -4.88 -6.52 -50.18
C ASP B 24 -3.70 -7.47 -50.20
N ALA B 25 -2.78 -7.32 -49.26
CA ALA B 25 -1.64 -8.20 -49.09
C ALA B 25 -1.72 -8.89 -47.75
N ARG B 26 -2.72 -8.56 -46.94
CA ARG B 26 -2.98 -9.18 -45.65
C ARG B 26 -4.25 -10.01 -45.74
N LYS B 27 -4.84 -10.10 -46.92
CA LYS B 27 -6.04 -10.88 -47.16
C LYS B 27 -5.77 -12.09 -48.04
N ALA B 28 -4.68 -12.09 -48.78
CA ALA B 28 -4.27 -13.28 -49.52
C ALA B 28 -3.60 -14.30 -48.61
N CYS B 29 -3.19 -13.90 -47.41
CA CYS B 29 -2.60 -14.85 -46.48
C CYS B 29 -3.66 -15.56 -45.64
N ALA B 30 -4.72 -14.87 -45.25
CA ALA B 30 -5.70 -15.47 -44.37
C ALA B 30 -6.51 -16.50 -45.15
N ASP B 31 -6.43 -17.76 -44.73
CA ASP B 31 -7.26 -18.82 -45.29
C ASP B 31 -8.21 -19.44 -44.29
N ALA B 32 -7.84 -19.49 -43.01
CA ALA B 32 -8.73 -20.02 -41.98
C ALA B 32 -8.42 -19.30 -40.68
N THR B 33 -9.46 -19.00 -39.91
CA THR B 33 -9.24 -18.31 -38.66
C THR B 33 -8.60 -19.26 -37.65
N LEU B 34 -8.29 -18.74 -36.46
CA LEU B 34 -7.79 -19.61 -35.42
C LEU B 34 -8.88 -20.47 -34.82
N SER B 35 -10.14 -20.06 -34.95
CA SER B 35 -11.22 -20.81 -34.33
C SER B 35 -11.78 -21.90 -35.23
N GLN B 36 -11.18 -22.14 -36.40
CA GLN B 36 -11.57 -23.28 -37.20
C GLN B 36 -10.54 -24.38 -37.15
N ILE B 37 -9.29 -23.99 -36.99
CA ILE B 37 -8.23 -24.97 -36.85
C ILE B 37 -8.44 -25.73 -35.55
N THR B 38 -8.69 -24.98 -34.49
CA THR B 38 -8.89 -25.51 -33.17
C THR B 38 -10.31 -25.96 -32.94
N ASN B 39 -10.72 -26.94 -33.71
CA ASN B 39 -12.05 -27.51 -33.54
C ASN B 39 -11.80 -28.95 -33.17
N ASN B 40 -12.67 -29.49 -32.33
CA ASN B 40 -12.51 -30.84 -31.78
C ASN B 40 -11.19 -30.98 -31.00
N ILE B 41 -10.89 -29.95 -30.22
CA ILE B 41 -9.73 -29.94 -29.36
C ILE B 41 -10.35 -29.84 -27.98
N ASP B 42 -9.88 -30.65 -27.04
CA ASP B 42 -10.38 -30.70 -25.68
C ASP B 42 -10.26 -29.40 -24.92
N PRO B 43 -11.32 -29.02 -24.22
CA PRO B 43 -11.29 -27.74 -23.49
C PRO B 43 -10.48 -27.82 -22.22
N VAL B 44 -9.96 -26.66 -21.81
CA VAL B 44 -9.09 -26.60 -20.63
C VAL B 44 -9.84 -27.02 -19.38
N GLY B 45 -11.09 -26.59 -19.21
CA GLY B 45 -11.85 -26.95 -18.04
C GLY B 45 -11.77 -25.87 -16.97
N ARG B 46 -12.49 -26.10 -15.88
CA ARG B 46 -12.55 -25.09 -14.82
C ARG B 46 -11.16 -24.90 -14.21
N ILE B 47 -10.78 -23.64 -14.00
CA ILE B 47 -9.51 -23.30 -13.37
C ILE B 47 -9.82 -22.61 -12.05
N GLN B 48 -9.54 -23.28 -10.93
CA GLN B 48 -9.78 -22.71 -9.61
C GLN B 48 -8.45 -22.40 -8.95
N MET B 49 -8.29 -21.16 -8.50
CA MET B 49 -7.05 -20.73 -7.87
C MET B 49 -7.36 -19.94 -6.62
N ARG B 50 -6.64 -20.23 -5.54
CA ARG B 50 -6.86 -19.56 -4.27
C ARG B 50 -5.60 -18.77 -3.92
N THR B 51 -5.77 -17.77 -3.06
CA THR B 51 -4.65 -16.91 -2.70
C THR B 51 -3.69 -17.67 -1.79
N ARG B 52 -2.42 -17.31 -1.88
CA ARG B 52 -1.46 -17.94 -1.00
C ARG B 52 -0.74 -16.97 -0.08
N ARG B 53 -0.52 -15.73 -0.50
CA ARG B 53 0.12 -14.72 0.33
C ARG B 53 -0.69 -13.43 0.29
N THR B 54 -0.32 -12.51 1.16
CA THR B 54 -0.87 -11.15 1.14
C THR B 54 0.22 -10.21 1.64
N LEU B 55 0.65 -9.30 0.78
CA LEU B 55 1.77 -8.41 1.06
C LEU B 55 1.19 -7.04 1.43
N ARG B 56 1.19 -6.72 2.73
CA ARG B 56 0.51 -5.53 3.26
C ARG B 56 1.42 -4.35 3.65
N GLY B 57 2.65 -4.27 3.14
CA GLY B 57 3.51 -3.15 3.53
C GLY B 57 3.07 -1.75 3.10
N HIS B 58 2.55 -1.60 1.89
CA HIS B 58 2.24 -0.27 1.38
C HIS B 58 1.11 0.45 2.10
N LEU B 59 1.20 1.79 2.10
CA LEU B 59 0.20 2.67 2.69
C LEU B 59 -0.66 3.43 1.68
N ALA B 60 -0.37 3.34 0.39
CA ALA B 60 -1.13 4.05 -0.64
C ALA B 60 -1.12 3.23 -1.93
N LYS B 61 -1.70 3.79 -2.99
CA LYS B 61 -1.99 3.01 -4.18
C LYS B 61 -0.70 2.49 -4.82
N ILE B 62 -0.81 1.36 -5.51
CA ILE B 62 0.30 0.69 -6.17
C ILE B 62 0.20 0.79 -7.68
N TYR B 63 1.28 1.18 -8.34
CA TYR B 63 1.24 1.37 -9.78
C TYR B 63 2.02 0.37 -10.62
N ALA B 64 3.01 -0.33 -10.06
CA ALA B 64 3.79 -1.20 -10.92
C ALA B 64 4.41 -2.32 -10.12
N MET B 65 4.77 -3.39 -10.80
CA MET B 65 5.44 -4.51 -10.16
C MET B 65 6.21 -5.31 -11.21
N HIS B 66 7.24 -6.03 -10.76
CA HIS B 66 8.02 -6.83 -11.70
C HIS B 66 8.73 -7.90 -10.89
N TRP B 67 8.57 -9.18 -11.25
CA TRP B 67 9.22 -10.29 -10.51
C TRP B 67 10.70 -10.42 -10.77
N GLY B 68 11.47 -10.88 -9.80
CA GLY B 68 12.89 -11.06 -9.99
C GLY B 68 13.04 -12.26 -10.88
N THR B 69 14.18 -12.46 -11.54
CA THR B 69 14.32 -13.61 -12.42
C THR B 69 14.26 -14.95 -11.70
N ASP B 70 14.84 -15.04 -10.52
CA ASP B 70 14.81 -16.31 -9.79
C ASP B 70 13.39 -16.68 -9.43
N SER B 71 12.54 -15.68 -9.41
CA SER B 71 11.13 -15.85 -9.10
C SER B 71 10.81 -15.94 -7.65
N ARG B 72 11.74 -15.57 -6.79
CA ARG B 72 11.46 -15.58 -5.37
C ARG B 72 11.49 -14.20 -4.78
N LEU B 73 11.74 -13.16 -5.55
CA LEU B 73 11.80 -11.80 -5.05
C LEU B 73 10.94 -10.90 -5.90
N LEU B 74 10.37 -9.85 -5.32
CA LEU B 74 9.48 -8.93 -6.00
C LEU B 74 9.90 -7.51 -5.74
N VAL B 75 9.42 -6.56 -6.51
CA VAL B 75 9.71 -5.16 -6.28
C VAL B 75 8.37 -4.50 -6.44
N SER B 76 8.12 -3.34 -5.85
CA SER B 76 6.80 -2.75 -5.97
C SER B 76 6.87 -1.26 -5.70
N ALA B 77 6.17 -0.50 -6.55
CA ALA B 77 6.19 0.95 -6.50
C ALA B 77 4.80 1.46 -6.17
N SER B 78 4.74 2.50 -5.34
CA SER B 78 3.47 3.06 -4.93
C SER B 78 3.57 4.57 -4.87
N GLN B 79 2.43 5.21 -4.65
CA GLN B 79 2.35 6.66 -4.53
C GLN B 79 2.70 7.09 -3.11
N ASP B 80 3.95 6.88 -2.79
CA ASP B 80 4.64 7.12 -1.53
C ASP B 80 6.11 7.07 -1.85
N GLY B 81 6.92 7.64 -0.97
CA GLY B 81 8.34 7.68 -1.24
C GLY B 81 8.89 6.28 -1.43
N LYS B 82 8.33 5.33 -0.68
CA LYS B 82 8.81 3.95 -0.64
C LYS B 82 8.71 3.20 -1.95
N LEU B 83 9.67 2.30 -2.14
CA LEU B 83 9.82 1.36 -3.24
C LEU B 83 10.29 0.08 -2.57
N ILE B 84 9.38 -0.87 -2.36
CA ILE B 84 9.64 -2.00 -1.46
C ILE B 84 10.05 -3.22 -2.24
N ILE B 85 11.01 -4.00 -1.70
CA ILE B 85 11.40 -5.28 -2.27
C ILE B 85 10.92 -6.40 -1.35
N TRP B 86 10.07 -7.27 -1.87
CA TRP B 86 9.37 -8.31 -1.12
C TRP B 86 10.01 -9.66 -1.34
N ASP B 87 9.78 -10.56 -0.40
CA ASP B 87 10.18 -11.96 -0.49
C ASP B 87 8.90 -12.81 -0.61
N SER B 88 8.69 -13.45 -1.75
CA SER B 88 7.41 -14.06 -1.98
C SER B 88 7.20 -15.36 -1.18
N TYR B 89 8.26 -16.11 -0.86
CA TYR B 89 8.04 -17.35 -0.12
C TYR B 89 7.58 -17.10 1.31
N THR B 90 8.19 -16.13 1.98
CA THR B 90 7.81 -15.74 3.34
C THR B 90 7.52 -14.26 3.28
N THR B 91 6.50 -13.81 4.00
CA THR B 91 6.11 -12.41 3.84
C THR B 91 7.08 -11.53 4.62
N ASN B 92 8.20 -11.23 3.96
CA ASN B 92 9.26 -10.41 4.53
C ASN B 92 9.65 -9.30 3.56
N LYS B 93 10.23 -8.26 4.12
CA LYS B 93 10.74 -7.14 3.36
C LYS B 93 12.26 -7.24 3.37
N VAL B 94 12.89 -7.07 2.22
CA VAL B 94 14.33 -7.11 2.16
C VAL B 94 14.95 -5.74 1.95
N HIS B 95 14.23 -4.81 1.37
CA HIS B 95 14.68 -3.43 1.20
C HIS B 95 13.47 -2.52 1.14
N ALA B 96 13.66 -1.31 1.65
CA ALA B 96 12.68 -0.25 1.52
C ALA B 96 13.51 0.92 1.01
N ILE B 97 13.07 1.58 -0.06
CA ILE B 97 13.85 2.64 -0.67
C ILE B 97 13.03 3.92 -0.68
N PRO B 98 13.59 5.06 -0.28
CA PRO B 98 12.82 6.29 -0.35
C PRO B 98 13.15 7.03 -1.65
N LEU B 99 12.15 7.27 -2.47
CA LEU B 99 12.32 7.93 -3.75
C LEU B 99 12.49 9.43 -3.59
N ARG B 100 13.00 10.06 -4.64
CA ARG B 100 13.21 11.51 -4.70
C ARG B 100 11.98 12.27 -5.19
N SER B 101 10.92 11.57 -5.60
CA SER B 101 9.68 12.18 -6.06
C SER B 101 8.55 11.23 -5.76
N SER B 102 7.46 11.75 -5.18
CA SER B 102 6.35 10.88 -4.79
C SER B 102 5.67 10.23 -5.99
N TRP B 103 5.70 10.87 -7.16
CA TRP B 103 5.05 10.35 -8.36
C TRP B 103 5.90 9.34 -9.12
N VAL B 104 5.43 8.11 -9.11
CA VAL B 104 6.02 6.94 -9.72
C VAL B 104 4.98 6.23 -10.54
N MET B 105 5.31 5.92 -11.79
CA MET B 105 4.40 5.20 -12.65
C MET B 105 5.00 3.90 -13.18
N THR B 106 6.23 3.56 -12.78
CA THR B 106 6.83 2.32 -13.26
C THR B 106 7.90 1.86 -12.28
N CYS B 107 8.37 0.64 -12.48
CA CYS B 107 9.55 0.10 -11.80
C CYS B 107 10.06 -1.06 -12.63
N ALA B 108 11.25 -1.54 -12.28
CA ALA B 108 11.80 -2.68 -12.99
C ALA B 108 12.83 -3.35 -12.10
N TYR B 109 13.09 -4.62 -12.37
CA TYR B 109 14.06 -5.38 -11.61
C TYR B 109 15.00 -6.02 -12.62
N ALA B 110 16.30 -5.86 -12.44
CA ALA B 110 17.25 -6.34 -13.43
C ALA B 110 17.32 -7.85 -13.50
N PRO B 111 17.72 -8.40 -14.64
CA PRO B 111 17.83 -9.86 -14.73
C PRO B 111 18.92 -10.43 -13.84
N SER B 112 20.11 -9.81 -13.82
CA SER B 112 21.18 -10.32 -12.99
C SER B 112 20.89 -10.15 -11.51
N GLY B 113 20.00 -9.24 -11.14
CA GLY B 113 19.63 -9.04 -9.76
C GLY B 113 20.49 -8.05 -9.02
N ASN B 114 21.07 -7.09 -9.70
CA ASN B 114 21.96 -6.12 -9.08
C ASN B 114 21.48 -4.69 -9.16
N TYR B 115 20.39 -4.41 -9.87
CA TYR B 115 19.92 -3.05 -10.02
C TYR B 115 18.41 -3.06 -10.05
N VAL B 116 17.81 -1.96 -9.63
CA VAL B 116 16.39 -1.77 -9.86
C VAL B 116 16.23 -0.45 -10.60
N ALA B 117 15.02 -0.12 -11.02
CA ALA B 117 14.85 1.14 -11.72
C ALA B 117 13.44 1.65 -11.47
N CYS B 118 13.24 2.93 -11.70
CA CYS B 118 11.95 3.52 -11.39
C CYS B 118 11.77 4.84 -12.13
N GLY B 119 10.53 5.13 -12.50
CA GLY B 119 10.24 6.38 -13.19
C GLY B 119 8.82 6.81 -12.96
N GLY B 120 8.59 8.11 -13.15
CA GLY B 120 7.31 8.70 -12.86
C GLY B 120 7.09 9.96 -13.66
N LEU B 121 6.22 10.82 -13.12
CA LEU B 121 5.82 12.04 -13.78
C LEU B 121 6.92 13.08 -13.89
N ASP B 122 8.06 12.90 -13.25
CA ASP B 122 9.08 13.93 -13.26
C ASP B 122 10.03 13.83 -14.45
N ASN B 123 9.71 12.98 -15.42
CA ASN B 123 10.47 12.84 -16.66
C ASN B 123 11.93 12.45 -16.41
N ILE B 124 12.17 11.60 -15.42
CA ILE B 124 13.52 11.14 -15.11
C ILE B 124 13.46 9.68 -14.72
N CYS B 125 14.47 8.91 -15.15
CA CYS B 125 14.58 7.50 -14.80
C CYS B 125 15.68 7.32 -13.77
N SER B 126 15.38 6.70 -12.65
CA SER B 126 16.39 6.52 -11.62
C SER B 126 16.79 5.05 -11.56
N ILE B 127 18.08 4.79 -11.42
CA ILE B 127 18.60 3.44 -11.39
C ILE B 127 19.29 3.24 -10.05
N TYR B 128 18.69 2.39 -9.22
CA TYR B 128 19.22 2.10 -7.89
C TYR B 128 20.12 0.88 -7.92
N ASN B 129 21.05 0.86 -6.98
CA ASN B 129 22.03 -0.22 -6.84
C ASN B 129 21.82 -0.95 -5.55
N LEU B 130 21.88 -2.28 -5.58
CA LEU B 130 21.47 -3.05 -4.42
C LEU B 130 22.60 -3.69 -3.65
N LYS B 131 23.58 -4.30 -4.31
CA LYS B 131 24.63 -5.06 -3.62
C LYS B 131 25.89 -4.22 -3.56
N THR B 132 26.14 -3.58 -2.42
CA THR B 132 27.31 -2.72 -2.25
C THR B 132 27.93 -2.88 -0.88
N ARG B 133 29.21 -2.52 -0.79
CA ARG B 133 29.86 -2.44 0.51
C ARG B 133 29.31 -1.23 1.22
N GLU B 134 29.34 -1.26 2.55
CA GLU B 134 28.66 -0.25 3.34
C GLU B 134 27.19 -0.29 2.93
N GLY B 135 26.60 -1.46 3.20
CA GLY B 135 25.29 -1.81 2.72
C GLY B 135 24.22 -0.82 3.07
N ASN B 136 23.57 -0.35 2.03
CA ASN B 136 22.49 0.61 1.99
C ASN B 136 22.11 0.64 0.53
N VAL B 137 21.03 1.31 0.20
CA VAL B 137 20.65 1.42 -1.20
C VAL B 137 20.80 2.87 -1.62
N ARG B 138 21.64 3.11 -2.59
CA ARG B 138 21.96 4.45 -3.08
C ARG B 138 21.64 4.55 -4.55
N VAL B 139 21.40 5.77 -5.00
CA VAL B 139 21.12 6.00 -6.41
C VAL B 139 22.42 5.83 -7.20
N SER B 140 22.41 4.90 -8.13
CA SER B 140 23.60 4.67 -8.95
C SER B 140 23.62 5.57 -10.16
N ARG B 141 22.47 5.84 -10.77
CA ARG B 141 22.51 6.71 -11.95
C ARG B 141 21.17 7.40 -12.12
N GLU B 142 21.20 8.61 -12.68
CA GLU B 142 19.99 9.38 -13.00
C GLU B 142 19.98 9.67 -14.48
N LEU B 143 18.91 9.26 -15.16
CA LEU B 143 18.78 9.44 -16.59
C LEU B 143 17.80 10.57 -16.87
N ALA B 144 18.25 11.54 -17.65
CA ALA B 144 17.45 12.71 -17.98
C ALA B 144 17.44 12.91 -19.49
N GLY B 145 16.37 13.52 -19.98
CA GLY B 145 16.23 13.78 -21.41
C GLY B 145 14.95 13.27 -22.03
N HIS B 146 13.85 13.35 -21.31
CA HIS B 146 12.55 12.94 -21.79
C HIS B 146 11.63 14.15 -21.72
N THR B 147 10.91 14.44 -22.80
CA THR B 147 10.00 15.57 -22.74
C THR B 147 8.84 15.30 -21.78
N GLY B 148 8.26 14.10 -21.81
CA GLY B 148 7.14 13.74 -20.98
C GLY B 148 7.39 12.59 -20.00
N TYR B 149 6.32 12.23 -19.30
CA TYR B 149 6.35 11.26 -18.21
C TYR B 149 6.70 9.86 -18.70
N LEU B 150 7.50 9.13 -17.92
CA LEU B 150 7.86 7.76 -18.28
C LEU B 150 6.69 6.82 -18.00
N SER B 151 6.36 5.98 -18.98
CA SER B 151 5.28 5.02 -18.85
C SER B 151 5.78 3.65 -18.41
N CYS B 152 6.86 3.14 -19.00
CA CYS B 152 7.37 1.83 -18.64
C CYS B 152 8.84 1.71 -19.00
N CYS B 153 9.51 0.75 -18.37
CA CYS B 153 10.93 0.55 -18.63
C CYS B 153 11.24 -0.94 -18.58
N ARG B 154 12.42 -1.30 -19.08
CA ARG B 154 12.85 -2.69 -19.16
C ARG B 154 14.34 -2.75 -19.35
N PHE B 155 14.99 -3.73 -18.73
CA PHE B 155 16.43 -3.89 -18.86
C PHE B 155 16.77 -4.88 -19.95
N LEU B 156 17.54 -4.44 -20.96
CA LEU B 156 18.04 -5.38 -21.96
C LEU B 156 19.06 -6.32 -21.36
N ASP B 157 19.93 -5.76 -20.54
CA ASP B 157 21.00 -6.45 -19.79
C ASP B 157 21.53 -5.50 -18.70
N ASP B 158 22.53 -5.88 -17.93
CA ASP B 158 22.99 -4.97 -16.89
C ASP B 158 23.48 -3.60 -17.37
N ASN B 159 23.97 -3.48 -18.59
CA ASN B 159 24.42 -2.15 -19.03
C ASN B 159 23.49 -1.41 -19.99
N GLN B 160 22.25 -1.82 -20.18
CA GLN B 160 21.38 -1.08 -21.09
C GLN B 160 19.96 -1.07 -20.56
N ILE B 161 19.13 -0.23 -21.18
CA ILE B 161 17.74 -0.12 -20.77
C ILE B 161 16.92 0.63 -21.83
N VAL B 162 15.70 0.18 -22.10
CA VAL B 162 14.80 0.87 -23.02
C VAL B 162 13.72 1.57 -22.21
N THR B 163 13.32 2.76 -22.66
CA THR B 163 12.27 3.51 -21.99
C THR B 163 11.25 4.00 -22.99
N SER B 164 10.07 4.36 -22.49
CA SER B 164 8.98 4.88 -23.30
C SER B 164 8.46 6.11 -22.59
N SER B 165 8.21 7.22 -23.28
CA SER B 165 7.78 8.46 -22.61
C SER B 165 6.46 9.08 -23.06
N GLY B 166 5.89 9.98 -22.28
CA GLY B 166 4.65 10.64 -22.66
C GLY B 166 4.74 11.24 -24.04
N ASP B 167 5.83 11.92 -24.35
CA ASP B 167 6.01 12.40 -25.72
C ASP B 167 6.12 11.19 -26.62
N THR B 168 5.74 11.36 -27.87
CA THR B 168 5.62 10.20 -28.74
C THR B 168 7.02 9.76 -29.15
N THR B 169 7.68 9.05 -28.24
CA THR B 169 9.02 8.56 -28.53
C THR B 169 9.39 7.43 -27.59
N CYS B 170 10.26 6.53 -28.06
CA CYS B 170 10.87 5.51 -27.24
C CYS B 170 12.38 5.69 -27.37
N ALA B 171 13.14 5.18 -26.39
CA ALA B 171 14.57 5.43 -26.46
C ALA B 171 15.35 4.28 -25.85
N LEU B 172 16.63 4.23 -26.16
CA LEU B 172 17.54 3.22 -25.63
C LEU B 172 18.68 3.93 -24.93
N TRP B 173 18.95 3.52 -23.70
CA TRP B 173 19.90 4.18 -22.84
C TRP B 173 21.04 3.23 -22.56
N ASP B 174 22.22 3.81 -22.42
CA ASP B 174 23.41 3.15 -21.90
C ASP B 174 23.64 3.69 -20.50
N ILE B 175 23.77 2.79 -19.53
CA ILE B 175 23.79 3.26 -18.15
C ILE B 175 25.13 3.88 -17.78
N GLU B 176 26.23 3.35 -18.30
CA GLU B 176 27.55 3.87 -17.93
C GLU B 176 27.70 5.34 -18.27
N THR B 177 27.26 5.75 -19.46
CA THR B 177 27.28 7.14 -19.90
C THR B 177 25.85 7.57 -20.11
N GLY B 178 25.49 8.74 -19.59
CA GLY B 178 24.09 9.13 -19.60
C GLY B 178 23.46 9.16 -20.97
N GLN B 179 24.22 9.56 -21.99
CA GLN B 179 23.65 9.78 -23.31
C GLN B 179 22.94 8.54 -23.88
N GLN B 180 21.83 8.80 -24.56
CA GLN B 180 21.10 7.78 -25.31
C GLN B 180 22.00 7.21 -26.39
N THR B 181 21.61 6.07 -26.93
CA THR B 181 22.31 5.58 -28.11
C THR B 181 21.43 5.51 -29.35
N THR B 182 20.15 5.16 -29.21
CA THR B 182 19.24 5.06 -30.35
C THR B 182 17.87 5.52 -29.91
N THR B 183 17.22 6.34 -30.73
CA THR B 183 15.90 6.86 -30.45
C THR B 183 14.92 6.38 -31.51
N PHE B 184 13.77 5.87 -31.08
CA PHE B 184 12.75 5.37 -31.98
C PHE B 184 11.60 6.37 -32.00
N THR B 185 11.31 6.95 -33.18
CA THR B 185 10.28 8.00 -33.32
C THR B 185 9.34 7.73 -34.49
N GLY B 186 8.40 6.82 -34.30
CA GLY B 186 7.41 6.57 -35.33
C GLY B 186 5.98 6.75 -34.84
N HIS B 187 5.82 6.97 -33.54
CA HIS B 187 4.49 7.08 -32.97
C HIS B 187 3.87 8.47 -33.11
N THR B 188 2.54 8.47 -33.07
CA THR B 188 1.72 9.67 -32.95
C THR B 188 0.80 9.34 -31.79
N GLY B 189 0.79 10.16 -30.75
CA GLY B 189 0.07 9.73 -29.57
C GLY B 189 1.00 9.20 -28.50
N ASP B 190 0.52 9.16 -27.27
CA ASP B 190 1.39 8.82 -26.17
C ASP B 190 1.63 7.33 -26.10
N VAL B 191 2.86 6.94 -25.83
CA VAL B 191 3.16 5.53 -25.68
C VAL B 191 2.78 5.14 -24.26
N MET B 192 2.27 3.94 -24.07
CA MET B 192 1.80 3.55 -22.76
C MET B 192 2.55 2.37 -22.16
N SER B 193 2.97 1.41 -22.97
CA SER B 193 3.67 0.26 -22.42
C SER B 193 4.49 -0.39 -23.52
N LEU B 194 5.48 -1.18 -23.10
CA LEU B 194 6.29 -1.95 -24.02
C LEU B 194 6.65 -3.29 -23.39
N SER B 195 7.13 -4.21 -24.23
CA SER B 195 7.58 -5.50 -23.76
C SER B 195 8.68 -6.04 -24.65
N LEU B 196 9.71 -6.58 -24.00
CA LEU B 196 10.87 -7.12 -24.70
C LEU B 196 10.63 -8.55 -25.14
N ALA B 197 11.32 -8.93 -26.21
CA ALA B 197 11.29 -10.30 -26.70
C ALA B 197 12.08 -11.19 -25.74
N PRO B 198 11.88 -12.51 -25.81
CA PRO B 198 12.69 -13.39 -24.94
C PRO B 198 14.17 -13.32 -25.22
N ASP B 199 14.60 -13.05 -26.45
CA ASP B 199 16.02 -12.93 -26.74
C ASP B 199 16.49 -11.49 -26.61
N THR B 200 15.59 -10.56 -26.43
CA THR B 200 15.96 -9.16 -26.38
C THR B 200 16.51 -8.59 -27.69
N ARG B 201 16.12 -9.15 -28.83
CA ARG B 201 16.54 -8.64 -30.12
C ARG B 201 15.44 -7.81 -30.78
N LEU B 202 14.27 -7.73 -30.16
CA LEU B 202 13.14 -6.97 -30.66
C LEU B 202 12.22 -6.66 -29.55
N PHE B 203 11.38 -5.65 -29.69
CA PHE B 203 10.41 -5.34 -28.65
C PHE B 203 9.18 -4.74 -29.30
N VAL B 204 8.10 -4.68 -28.52
CA VAL B 204 6.82 -4.18 -29.01
C VAL B 204 6.30 -3.12 -28.06
N SER B 205 5.83 -2.01 -28.61
CA SER B 205 5.30 -0.92 -27.81
C SER B 205 3.90 -0.55 -28.31
N GLY B 206 3.06 -0.15 -27.37
CA GLY B 206 1.69 0.20 -27.70
C GLY B 206 1.36 1.65 -27.44
N ALA B 207 0.93 2.36 -28.47
CA ALA B 207 0.64 3.76 -28.38
C ALA B 207 -0.79 4.02 -27.94
N CYS B 208 -1.17 5.29 -27.91
CA CYS B 208 -2.50 5.73 -27.56
C CYS B 208 -3.33 6.06 -28.79
N ASP B 209 -2.76 5.95 -29.99
CA ASP B 209 -3.52 6.12 -31.22
C ASP B 209 -4.09 4.82 -31.73
N ALA B 210 -4.25 3.82 -30.85
CA ALA B 210 -4.75 2.51 -31.22
C ALA B 210 -3.90 1.87 -32.31
N SER B 211 -2.63 1.67 -31.99
CA SER B 211 -1.71 1.00 -32.91
C SER B 211 -0.54 0.47 -32.11
N ALA B 212 0.34 -0.26 -32.79
CA ALA B 212 1.53 -0.81 -32.16
C ALA B 212 2.61 -0.95 -33.22
N LYS B 213 3.84 -1.08 -32.77
CA LYS B 213 4.98 -1.16 -33.66
C LYS B 213 5.73 -2.46 -33.40
N LEU B 214 6.87 -2.63 -34.06
CA LEU B 214 7.75 -3.78 -33.85
C LEU B 214 9.17 -3.29 -34.11
N TRP B 215 9.88 -2.93 -33.05
CA TRP B 215 11.13 -2.19 -33.19
C TRP B 215 12.34 -3.14 -33.19
N ASP B 216 13.23 -2.96 -34.14
CA ASP B 216 14.54 -3.61 -34.07
C ASP B 216 15.42 -2.78 -33.14
N VAL B 217 16.08 -3.44 -32.21
CA VAL B 217 16.96 -2.73 -31.29
C VAL B 217 18.28 -2.26 -31.90
N ARG B 218 18.96 -3.12 -32.63
CA ARG B 218 20.25 -2.78 -33.24
C ARG B 218 20.27 -1.78 -34.38
N GLU B 219 19.31 -1.89 -35.27
CA GLU B 219 19.20 -1.03 -36.44
C GLU B 219 18.53 0.29 -36.08
N GLY B 220 17.40 0.23 -35.39
CA GLY B 220 16.70 1.43 -34.99
C GLY B 220 15.52 1.81 -35.84
N MET B 221 14.92 0.86 -36.55
CA MET B 221 13.84 1.15 -37.47
C MET B 221 12.70 0.16 -37.25
N CYS B 222 11.48 0.65 -37.44
CA CYS B 222 10.30 -0.18 -37.31
C CYS B 222 10.21 -1.18 -38.46
N ARG B 223 9.51 -2.28 -38.22
CA ARG B 223 9.37 -3.30 -39.25
C ARG B 223 7.93 -3.65 -39.57
N GLN B 224 7.04 -3.67 -38.58
CA GLN B 224 5.64 -3.98 -38.83
C GLN B 224 4.76 -3.10 -37.98
N THR B 225 3.61 -2.72 -38.50
CA THR B 225 2.64 -1.89 -37.81
C THR B 225 1.33 -2.64 -37.74
N PHE B 226 0.73 -2.69 -36.55
CA PHE B 226 -0.45 -3.51 -36.31
C PHE B 226 -1.61 -2.62 -35.90
N THR B 227 -2.67 -2.60 -36.71
CA THR B 227 -3.87 -1.88 -36.35
C THR B 227 -4.92 -2.84 -35.82
N GLY B 228 -6.10 -2.32 -35.53
CA GLY B 228 -7.19 -3.19 -35.14
C GLY B 228 -8.00 -2.68 -33.98
N HIS B 229 -7.39 -1.98 -33.04
CA HIS B 229 -8.13 -1.50 -31.89
C HIS B 229 -8.87 -0.23 -32.21
N GLU B 230 -9.82 0.09 -31.35
CA GLU B 230 -10.61 1.31 -31.47
C GLU B 230 -10.17 2.39 -30.49
N SER B 231 -9.70 2.02 -29.32
CA SER B 231 -9.20 3.00 -28.38
C SER B 231 -7.74 2.70 -28.03
N ASP B 232 -7.22 3.46 -27.08
CA ASP B 232 -5.84 3.34 -26.67
C ASP B 232 -5.59 1.98 -26.04
N ILE B 233 -4.34 1.52 -26.12
CA ILE B 233 -3.98 0.26 -25.51
C ILE B 233 -3.01 0.55 -24.37
N ASN B 234 -2.97 -0.36 -23.41
CA ASN B 234 -2.30 -0.09 -22.16
C ASN B 234 -1.39 -1.21 -21.67
N ALA B 235 -1.42 -2.37 -22.30
CA ALA B 235 -0.65 -3.47 -21.74
C ALA B 235 -0.36 -4.48 -22.83
N ILE B 236 0.90 -4.85 -22.97
CA ILE B 236 1.32 -5.79 -23.99
C ILE B 236 2.11 -6.89 -23.30
N CYS B 237 2.20 -8.01 -24.00
CA CYS B 237 2.88 -9.21 -23.54
C CYS B 237 3.33 -9.97 -24.77
N PHE B 238 4.16 -10.97 -24.55
CA PHE B 238 4.74 -11.79 -25.62
C PHE B 238 4.41 -13.26 -25.41
N PHE B 239 3.96 -13.90 -26.48
CA PHE B 239 3.69 -15.33 -26.40
C PHE B 239 5.05 -15.98 -26.11
N PRO B 240 5.16 -16.85 -25.12
CA PRO B 240 6.47 -17.39 -24.74
C PRO B 240 7.33 -17.84 -25.91
N ASN B 241 6.70 -18.31 -26.98
CA ASN B 241 7.43 -18.72 -28.17
C ASN B 241 8.25 -17.58 -28.74
N GLY B 242 7.71 -16.36 -28.71
CA GLY B 242 8.38 -15.20 -29.25
C GLY B 242 7.92 -14.81 -30.64
N ASN B 243 6.81 -15.37 -31.11
CA ASN B 243 6.27 -15.11 -32.44
C ASN B 243 4.87 -14.52 -32.41
N ALA B 244 4.37 -14.12 -31.26
CA ALA B 244 3.06 -13.50 -31.20
C ALA B 244 3.01 -12.66 -29.94
N PHE B 245 2.08 -11.70 -29.92
CA PHE B 245 1.91 -10.88 -28.74
C PHE B 245 0.43 -10.61 -28.55
N ALA B 246 0.07 -10.11 -27.37
CA ALA B 246 -1.33 -9.87 -27.08
C ALA B 246 -1.51 -8.53 -26.41
N THR B 247 -2.43 -7.73 -26.93
CA THR B 247 -2.63 -6.37 -26.47
C THR B 247 -3.89 -6.29 -25.62
N GLY B 248 -3.96 -5.25 -24.80
CA GLY B 248 -5.13 -4.99 -24.00
C GLY B 248 -5.42 -3.50 -23.99
N SER B 249 -6.68 -3.10 -24.11
CA SER B 249 -6.99 -1.71 -24.44
C SER B 249 -8.08 -1.17 -23.53
N ASP B 250 -8.60 0.01 -23.83
CA ASP B 250 -9.79 0.51 -23.15
C ASP B 250 -11.04 0.26 -23.96
N ASP B 251 -10.93 -0.56 -24.99
CA ASP B 251 -12.06 -1.04 -25.75
C ASP B 251 -12.73 -2.20 -25.02
N ALA B 252 -12.20 -2.59 -23.87
CA ALA B 252 -12.60 -3.81 -23.16
C ALA B 252 -12.47 -5.01 -24.10
N THR B 253 -11.29 -5.12 -24.72
CA THR B 253 -11.03 -6.17 -25.70
C THR B 253 -9.54 -6.42 -25.78
N CYS B 254 -9.13 -7.67 -25.64
CA CYS B 254 -7.78 -8.10 -25.97
C CYS B 254 -7.74 -8.67 -27.38
N ARG B 255 -6.53 -8.74 -27.93
CA ARG B 255 -6.30 -9.29 -29.25
C ARG B 255 -5.06 -10.15 -29.21
N LEU B 256 -4.88 -11.01 -30.20
CA LEU B 256 -3.67 -11.85 -30.24
C LEU B 256 -3.09 -11.83 -31.65
N PHE B 257 -2.21 -10.86 -31.90
CA PHE B 257 -1.55 -10.71 -33.20
C PHE B 257 -0.43 -11.73 -33.35
N ASP B 258 0.13 -11.82 -34.56
CA ASP B 258 1.23 -12.73 -34.81
C ASP B 258 2.23 -12.07 -35.74
N LEU B 259 3.50 -12.44 -35.59
CA LEU B 259 4.54 -11.67 -36.27
C LEU B 259 4.89 -12.18 -37.66
N ARG B 260 4.51 -13.39 -38.05
CA ARG B 260 4.88 -13.85 -39.39
C ARG B 260 3.79 -13.64 -40.42
N ALA B 261 2.53 -13.59 -40.03
CA ALA B 261 1.46 -13.32 -40.97
C ALA B 261 0.98 -11.88 -40.85
N ASP B 262 1.34 -11.18 -39.77
CA ASP B 262 1.19 -9.74 -39.69
C ASP B 262 -0.29 -9.35 -39.68
N GLN B 263 -1.07 -10.06 -38.87
CA GLN B 263 -2.47 -9.75 -38.67
C GLN B 263 -2.93 -10.33 -37.35
N GLU B 264 -4.24 -10.36 -37.12
CA GLU B 264 -4.83 -10.69 -35.84
C GLU B 264 -5.51 -12.06 -35.87
N LEU B 265 -5.04 -12.98 -35.01
CA LEU B 265 -5.64 -14.31 -34.96
C LEU B 265 -7.01 -14.35 -34.26
N MET B 266 -7.17 -13.73 -33.10
CA MET B 266 -8.42 -13.81 -32.33
C MET B 266 -8.60 -12.61 -31.41
N THR B 267 -9.83 -12.47 -30.90
CA THR B 267 -10.28 -11.41 -30.00
C THR B 267 -11.02 -11.94 -28.78
N TYR B 268 -10.59 -11.60 -27.57
CA TYR B 268 -11.27 -12.05 -26.35
C TYR B 268 -12.10 -10.91 -25.74
N SER B 269 -13.39 -10.91 -26.04
CA SER B 269 -14.29 -9.86 -25.53
C SER B 269 -15.63 -10.47 -25.17
N HIS B 270 -16.31 -9.88 -24.19
CA HIS B 270 -17.58 -10.44 -23.75
C HIS B 270 -18.54 -9.31 -23.40
N ASP B 271 -19.85 -9.61 -23.51
CA ASP B 271 -20.89 -8.61 -23.30
C ASP B 271 -20.89 -8.03 -21.89
N ASN B 272 -20.69 -8.88 -20.89
CA ASN B 272 -20.75 -8.42 -19.50
C ASN B 272 -19.71 -7.34 -19.20
N ILE B 273 -18.52 -7.47 -19.78
CA ILE B 273 -17.44 -6.52 -19.51
C ILE B 273 -17.58 -5.29 -20.39
N ILE B 274 -17.53 -4.10 -19.78
CA ILE B 274 -17.45 -2.86 -20.53
C ILE B 274 -16.31 -2.01 -19.95
N CYS B 275 -15.72 -2.47 -18.85
CA CYS B 275 -14.60 -1.79 -18.23
C CYS B 275 -13.30 -2.06 -18.98
N GLY B 276 -12.35 -1.15 -18.81
CA GLY B 276 -11.10 -1.23 -19.55
C GLY B 276 -10.13 -2.22 -18.94
N ILE B 277 -9.07 -2.51 -19.69
CA ILE B 277 -8.08 -3.50 -19.30
C ILE B 277 -6.79 -2.77 -18.94
N THR B 278 -6.16 -3.16 -17.85
CA THR B 278 -4.93 -2.51 -17.42
C THR B 278 -3.70 -3.39 -17.45
N SER B 279 -3.83 -4.70 -17.57
CA SER B 279 -2.64 -5.54 -17.60
C SER B 279 -2.97 -6.83 -18.32
N VAL B 280 -1.99 -7.38 -19.03
CA VAL B 280 -2.17 -8.61 -19.79
C VAL B 280 -0.93 -9.46 -19.63
N SER B 281 -1.10 -10.74 -19.33
CA SER B 281 0.09 -11.59 -19.29
C SER B 281 -0.22 -13.03 -19.67
N PHE B 282 0.68 -13.67 -20.41
CA PHE B 282 0.48 -15.09 -20.66
C PHE B 282 1.03 -15.95 -19.54
N SER B 283 0.41 -17.11 -19.37
CA SER B 283 0.99 -18.17 -18.57
C SER B 283 2.13 -18.82 -19.33
N LYS B 284 2.92 -19.62 -18.63
CA LYS B 284 3.91 -20.40 -19.32
C LYS B 284 3.19 -21.44 -20.17
N SER B 285 3.78 -21.79 -21.31
CA SER B 285 3.27 -22.70 -22.31
C SER B 285 2.12 -22.09 -23.10
N GLY B 286 1.91 -20.78 -22.98
CA GLY B 286 0.97 -20.08 -23.84
C GLY B 286 -0.41 -20.68 -24.02
N ARG B 287 -1.04 -21.10 -22.93
CA ARG B 287 -2.36 -21.66 -23.06
C ARG B 287 -3.33 -20.94 -22.19
N LEU B 288 -2.88 -19.93 -21.49
CA LEU B 288 -3.77 -19.15 -20.68
C LEU B 288 -3.35 -17.72 -20.71
N LEU B 289 -4.28 -16.79 -20.88
CA LEU B 289 -3.92 -15.40 -20.92
C LEU B 289 -4.65 -14.69 -19.81
N LEU B 290 -3.94 -14.10 -18.88
CA LEU B 290 -4.51 -13.43 -17.73
C LEU B 290 -4.76 -11.99 -18.10
N ALA B 291 -5.69 -11.35 -17.41
CA ALA B 291 -6.06 -9.99 -17.79
C ALA B 291 -6.67 -9.27 -16.61
N GLY B 292 -6.12 -8.11 -16.27
CA GLY B 292 -6.65 -7.38 -15.13
C GLY B 292 -7.58 -6.25 -15.49
N TYR B 293 -8.86 -6.54 -15.39
CA TYR B 293 -9.93 -5.61 -15.73
C TYR B 293 -10.04 -4.48 -14.71
N ASP B 294 -10.65 -3.40 -15.20
CA ASP B 294 -10.87 -2.18 -14.41
C ASP B 294 -11.83 -2.39 -13.24
N ASP B 295 -12.87 -3.22 -13.39
CA ASP B 295 -13.85 -3.34 -12.32
C ASP B 295 -13.42 -4.33 -11.22
N PHE B 296 -12.38 -3.92 -10.52
CA PHE B 296 -11.82 -4.70 -9.42
C PHE B 296 -11.97 -6.18 -9.68
N ASN B 297 -11.40 -6.65 -10.76
CA ASN B 297 -11.52 -8.07 -11.01
C ASN B 297 -10.42 -8.48 -11.98
N CYS B 298 -10.43 -9.76 -12.36
CA CYS B 298 -9.44 -10.28 -13.28
C CYS B 298 -10.04 -11.48 -14.00
N ASN B 299 -9.38 -11.92 -15.06
CA ASN B 299 -9.92 -13.05 -15.81
C ASN B 299 -8.80 -13.91 -16.35
N VAL B 300 -9.20 -15.10 -16.84
CA VAL B 300 -8.31 -16.06 -17.47
C VAL B 300 -8.99 -16.52 -18.75
N TRP B 301 -8.34 -16.28 -19.88
CA TRP B 301 -8.88 -16.61 -21.19
C TRP B 301 -8.11 -17.76 -21.80
N ASP B 302 -8.85 -18.70 -22.37
CA ASP B 302 -8.26 -19.88 -22.99
C ASP B 302 -7.70 -19.40 -24.33
N ALA B 303 -6.37 -19.32 -24.45
CA ALA B 303 -5.83 -18.70 -25.66
C ALA B 303 -6.24 -19.43 -26.92
N LEU B 304 -6.23 -20.74 -26.92
CA LEU B 304 -6.59 -21.39 -28.16
C LEU B 304 -8.09 -21.48 -28.42
N LYS B 305 -8.94 -21.07 -27.48
CA LYS B 305 -10.39 -21.15 -27.66
C LYS B 305 -10.97 -19.92 -26.97
N ALA B 306 -11.93 -19.26 -27.63
CA ALA B 306 -12.36 -17.98 -27.07
C ALA B 306 -12.95 -18.10 -25.69
N ASP B 307 -13.38 -19.29 -25.29
CA ASP B 307 -14.06 -19.53 -24.02
C ASP B 307 -13.20 -19.07 -22.86
N ARG B 308 -13.84 -18.67 -21.77
CA ARG B 308 -13.15 -18.12 -20.63
C ARG B 308 -13.05 -19.08 -19.45
N ALA B 309 -11.83 -19.17 -18.92
CA ALA B 309 -11.62 -19.91 -17.68
C ALA B 309 -12.18 -19.08 -16.54
N GLY B 310 -12.34 -19.71 -15.37
CA GLY B 310 -13.02 -19.07 -14.26
C GLY B 310 -12.37 -17.76 -13.81
N VAL B 311 -13.21 -16.88 -13.30
CA VAL B 311 -12.79 -15.58 -12.80
C VAL B 311 -11.86 -15.75 -11.60
N LEU B 312 -11.02 -14.74 -11.39
CA LEU B 312 -10.06 -14.72 -10.29
C LEU B 312 -10.21 -13.38 -9.58
N ALA B 313 -11.28 -13.22 -8.80
CA ALA B 313 -11.54 -11.95 -8.13
C ALA B 313 -11.48 -12.06 -6.62
N GLY B 314 -10.50 -11.38 -6.03
CA GLY B 314 -10.39 -11.26 -4.59
C GLY B 314 -10.11 -9.83 -4.20
N HIS B 315 -9.93 -8.96 -5.19
CA HIS B 315 -9.56 -7.58 -4.96
C HIS B 315 -10.76 -6.69 -4.65
N ASP B 316 -10.46 -5.58 -3.96
CA ASP B 316 -11.45 -4.57 -3.58
C ASP B 316 -11.30 -3.25 -4.33
N ASN B 317 -10.48 -3.19 -5.39
CA ASN B 317 -10.35 -2.00 -6.23
C ASN B 317 -9.64 -2.37 -7.56
N ARG B 318 -9.22 -1.34 -8.31
CA ARG B 318 -8.66 -1.52 -9.64
C ARG B 318 -7.43 -2.39 -9.55
N VAL B 319 -7.29 -3.35 -10.47
CA VAL B 319 -6.09 -4.18 -10.55
C VAL B 319 -5.11 -3.47 -11.49
N SER B 320 -4.26 -2.63 -10.91
CA SER B 320 -3.32 -1.85 -11.72
C SER B 320 -2.25 -2.68 -12.45
N CYS B 321 -1.60 -3.64 -11.80
CA CYS B 321 -0.59 -4.44 -12.50
C CYS B 321 -0.39 -5.85 -11.96
N LEU B 322 -0.22 -6.83 -12.84
CA LEU B 322 -0.03 -8.22 -12.42
C LEU B 322 0.99 -8.91 -13.31
N GLY B 323 1.72 -9.88 -12.72
CA GLY B 323 2.69 -10.65 -13.50
C GLY B 323 2.98 -12.09 -13.12
N VAL B 324 2.94 -13.01 -14.09
CA VAL B 324 3.22 -14.42 -13.85
C VAL B 324 4.71 -14.63 -13.58
N THR B 325 5.02 -15.56 -12.69
CA THR B 325 6.44 -15.79 -12.37
C THR B 325 7.16 -16.42 -13.54
N ASP B 326 8.47 -16.26 -13.55
CA ASP B 326 9.26 -16.76 -14.66
C ASP B 326 9.17 -18.27 -14.79
N ASP B 327 9.31 -19.00 -13.68
CA ASP B 327 9.18 -20.46 -13.77
C ASP B 327 7.75 -20.87 -14.09
N GLY B 328 6.77 -20.17 -13.54
CA GLY B 328 5.37 -20.48 -13.79
C GLY B 328 4.55 -20.88 -12.58
N MET B 329 5.10 -20.97 -11.37
CA MET B 329 4.30 -21.38 -10.22
C MET B 329 3.20 -20.42 -9.80
N ALA B 330 3.43 -19.10 -9.75
CA ALA B 330 2.38 -18.26 -9.19
C ALA B 330 2.16 -16.96 -9.92
N VAL B 331 0.98 -16.37 -9.69
CA VAL B 331 0.56 -15.12 -10.29
C VAL B 331 0.31 -14.10 -9.20
N ALA B 332 0.94 -12.94 -9.31
CA ALA B 332 0.80 -11.88 -8.32
C ALA B 332 0.16 -10.66 -8.94
N THR B 333 -0.88 -10.14 -8.29
CA THR B 333 -1.63 -8.99 -8.75
C THR B 333 -1.66 -7.90 -7.68
N GLY B 334 -1.33 -6.67 -8.04
CA GLY B 334 -1.41 -5.63 -7.04
C GLY B 334 -2.44 -4.58 -7.39
N SER B 335 -3.49 -4.43 -6.58
CA SER B 335 -4.54 -3.47 -6.88
C SER B 335 -4.27 -2.12 -6.24
N TRP B 336 -5.20 -1.17 -6.42
CA TRP B 336 -5.00 0.13 -5.78
C TRP B 336 -5.04 0.02 -4.26
N ASP B 337 -5.85 -0.87 -3.71
CA ASP B 337 -5.74 -1.00 -2.27
C ASP B 337 -4.35 -1.58 -2.02
N SER B 338 -3.72 -1.16 -0.93
CA SER B 338 -2.30 -1.45 -0.76
C SER B 338 -1.92 -2.91 -0.97
N PHE B 339 -2.77 -3.82 -0.64
CA PHE B 339 -2.35 -5.19 -0.76
C PHE B 339 -2.08 -5.75 -2.13
N LEU B 340 -1.27 -6.80 -2.13
CA LEU B 340 -0.92 -7.60 -3.29
C LEU B 340 -1.28 -8.97 -2.90
N LYS B 341 -1.95 -9.68 -3.77
CA LYS B 341 -2.35 -11.00 -3.43
C LYS B 341 -1.66 -11.84 -4.42
N ILE B 342 -1.14 -12.95 -3.96
CA ILE B 342 -0.48 -13.84 -4.84
C ILE B 342 -1.35 -15.05 -4.97
N TRP B 343 -1.57 -15.44 -6.21
CA TRP B 343 -2.41 -16.56 -6.50
C TRP B 343 -1.73 -17.77 -6.94
N ASN B 344 -2.36 -18.89 -6.70
CA ASN B 344 -1.63 -20.09 -7.12
C ASN B 344 -2.51 -21.30 -7.38
N ALA C 7 6.49 20.22 -43.45
CA ALA C 7 5.62 19.05 -43.34
C ALA C 7 5.21 18.49 -44.70
N SER C 8 5.01 19.39 -45.66
CA SER C 8 4.52 18.97 -46.97
C SER C 8 5.48 18.01 -47.66
N ILE C 9 6.78 18.28 -47.64
CA ILE C 9 7.72 17.36 -48.27
C ILE C 9 8.79 16.83 -47.31
N ALA C 10 9.20 17.66 -46.35
CA ALA C 10 10.14 17.23 -45.32
C ALA C 10 9.61 16.06 -44.49
N GLN C 11 8.33 16.08 -44.14
CA GLN C 11 7.71 15.08 -43.28
C GLN C 11 7.06 13.97 -44.12
N ALA C 12 6.36 14.38 -45.18
CA ALA C 12 5.68 13.42 -46.04
C ALA C 12 6.66 12.44 -46.65
N ARG C 13 7.86 12.89 -47.05
CA ARG C 13 8.81 11.94 -47.60
C ARG C 13 9.16 10.89 -46.56
N LYS C 14 9.25 11.30 -45.30
CA LYS C 14 9.60 10.37 -44.24
C LYS C 14 8.53 9.30 -44.09
N LEU C 15 7.27 9.71 -44.12
CA LEU C 15 6.20 8.73 -43.97
C LEU C 15 6.07 7.82 -45.18
N VAL C 16 6.17 8.37 -46.39
CA VAL C 16 6.04 7.49 -47.55
C VAL C 16 7.21 6.52 -47.62
N GLU C 17 8.40 6.97 -47.24
CA GLU C 17 9.52 6.04 -47.26
C GLU C 17 9.33 4.98 -46.19
N GLN C 18 8.61 5.31 -45.11
CA GLN C 18 8.37 4.29 -44.09
C GLN C 18 7.43 3.22 -44.61
N LEU C 19 6.34 3.64 -45.26
CA LEU C 19 5.37 2.67 -45.75
C LEU C 19 5.89 1.86 -46.93
N LYS C 20 6.89 2.35 -47.65
CA LYS C 20 7.49 1.53 -48.69
C LYS C 20 8.29 0.36 -48.15
N MET C 21 8.76 0.45 -46.90
CA MET C 21 9.51 -0.65 -46.30
C MET C 21 8.63 -1.72 -45.68
N GLU C 22 7.39 -1.40 -45.34
CA GLU C 22 6.44 -2.37 -44.78
C GLU C 22 5.60 -3.04 -45.84
N ALA C 23 6.12 -3.17 -47.07
CA ALA C 23 5.41 -3.87 -48.12
C ALA C 23 6.27 -4.90 -48.83
N ASN C 24 7.55 -5.01 -48.53
CA ASN C 24 8.39 -6.06 -49.09
C ASN C 24 8.42 -7.30 -48.22
N ILE C 25 7.85 -7.24 -47.02
CA ILE C 25 7.92 -8.36 -46.09
C ILE C 25 7.20 -9.57 -46.67
N ASP C 26 7.70 -10.77 -46.35
CA ASP C 26 7.09 -12.02 -46.76
C ASP C 26 6.18 -12.55 -45.65
N ARG C 27 4.98 -12.96 -46.02
CA ARG C 27 3.99 -13.45 -45.06
C ARG C 27 3.54 -14.87 -45.43
N ILE C 28 3.45 -15.74 -44.39
CA ILE C 28 3.00 -17.12 -44.52
C ILE C 28 1.50 -17.22 -44.22
N LYS C 29 0.83 -18.15 -44.89
CA LYS C 29 -0.61 -18.31 -44.74
C LYS C 29 -0.94 -18.58 -43.29
N VAL C 30 -2.08 -18.06 -42.83
CA VAL C 30 -2.44 -18.21 -41.42
C VAL C 30 -2.59 -19.67 -41.03
N SER C 31 -3.21 -20.48 -41.88
CA SER C 31 -3.42 -21.87 -41.51
C SER C 31 -2.14 -22.58 -41.11
N LYS C 32 -0.98 -22.06 -41.51
CA LYS C 32 0.28 -22.60 -41.00
C LYS C 32 0.78 -21.88 -39.75
N ALA C 33 0.60 -20.57 -39.68
CA ALA C 33 1.09 -19.80 -38.56
C ALA C 33 0.19 -19.89 -37.34
N ALA C 34 -0.88 -20.66 -37.41
CA ALA C 34 -1.67 -20.98 -36.24
C ALA C 34 -1.47 -22.42 -35.80
N ALA C 35 -1.15 -23.32 -36.72
CA ALA C 35 -0.80 -24.66 -36.30
C ALA C 35 0.58 -24.67 -35.65
N ASP C 36 1.46 -23.76 -36.06
CA ASP C 36 2.74 -23.67 -35.37
C ASP C 36 2.60 -23.09 -33.98
N LEU C 37 1.44 -22.52 -33.64
CA LEU C 37 1.15 -22.11 -32.28
C LEU C 37 0.42 -23.22 -31.53
N MET C 38 -0.40 -23.97 -32.25
CA MET C 38 -1.15 -25.07 -31.65
C MET C 38 -0.20 -26.14 -31.15
N ALA C 39 0.87 -26.40 -31.90
CA ALA C 39 1.73 -27.54 -31.63
C ALA C 39 2.97 -27.13 -30.85
N TYR C 40 3.03 -25.88 -30.41
CA TYR C 40 3.84 -25.48 -29.26
C TYR C 40 3.21 -25.80 -27.92
N CYS C 41 1.90 -26.01 -27.86
CA CYS C 41 1.25 -26.33 -26.60
C CYS C 41 1.02 -27.81 -26.36
N GLU C 42 1.23 -28.68 -27.35
CA GLU C 42 1.35 -30.09 -27.03
C GLU C 42 2.59 -30.34 -26.18
N ALA C 43 3.72 -29.74 -26.55
CA ALA C 43 5.02 -30.22 -26.15
C ALA C 43 5.51 -29.56 -24.88
N HIS C 44 4.92 -28.43 -24.50
CA HIS C 44 5.24 -27.72 -23.29
C HIS C 44 4.09 -27.71 -22.30
N ALA C 45 3.03 -28.46 -22.57
CA ALA C 45 1.92 -28.54 -21.63
C ALA C 45 2.24 -29.40 -20.42
N LYS C 46 3.26 -30.26 -20.53
CA LYS C 46 3.62 -31.11 -19.41
C LYS C 46 4.12 -30.31 -18.22
N GLU C 47 4.71 -29.15 -18.48
CA GLU C 47 5.32 -28.35 -17.42
C GLU C 47 4.74 -26.94 -17.42
N ASP C 48 3.49 -26.83 -17.00
CA ASP C 48 2.83 -25.56 -16.72
C ASP C 48 2.08 -25.78 -15.42
N PRO C 49 2.55 -25.22 -14.31
CA PRO C 49 1.90 -25.48 -13.01
C PRO C 49 0.55 -24.82 -12.85
N LEU C 50 0.01 -24.14 -13.85
CA LEU C 50 -1.32 -23.56 -13.69
C LEU C 50 -2.42 -24.29 -14.45
N LEU C 51 -2.12 -25.00 -15.53
CA LEU C 51 -3.18 -25.76 -16.20
C LEU C 51 -3.67 -26.88 -15.30
N THR C 52 -2.75 -27.59 -14.66
CA THR C 52 -3.07 -28.69 -13.75
C THR C 52 -2.30 -28.46 -12.46
N PRO C 53 -2.99 -28.42 -11.32
CA PRO C 53 -2.30 -28.10 -10.06
C PRO C 53 -1.21 -29.11 -9.75
N VAL C 54 -0.06 -28.60 -9.34
CA VAL C 54 1.09 -29.42 -8.95
C VAL C 54 0.79 -29.99 -7.57
N PRO C 55 1.34 -31.15 -7.21
CA PRO C 55 1.01 -31.73 -5.91
C PRO C 55 1.46 -30.84 -4.76
N ALA C 56 0.87 -31.08 -3.61
CA ALA C 56 1.15 -30.27 -2.43
C ALA C 56 2.62 -30.33 -2.05
N SER C 57 3.28 -31.47 -2.25
CA SER C 57 4.69 -31.59 -1.90
C SER C 57 5.57 -30.63 -2.70
N GLU C 58 5.25 -30.41 -3.97
CA GLU C 58 6.08 -29.55 -4.81
C GLU C 58 5.61 -28.10 -4.88
N ASN C 59 4.50 -27.74 -4.26
CA ASN C 59 4.02 -26.37 -4.32
C ASN C 59 4.59 -25.60 -3.13
N PRO C 60 5.42 -24.58 -3.34
CA PRO C 60 6.07 -23.89 -2.22
C PRO C 60 5.19 -22.94 -1.44
N PHE C 61 3.92 -22.75 -1.78
CA PHE C 61 3.09 -21.85 -1.01
C PHE C 61 1.91 -22.46 -0.25
N ARG C 62 1.96 -23.70 0.28
CA ARG C 62 0.71 -24.14 0.90
C ARG C 62 0.36 -23.28 2.11
N GLU C 63 1.27 -23.24 3.09
CA GLU C 63 1.10 -22.49 4.33
C GLU C 63 2.19 -22.89 5.31
N MET D 124 -45.01 -6.91 40.14
CA MET D 124 -45.46 -8.18 40.68
C MET D 124 -46.99 -8.23 40.71
N VAL D 125 -47.64 -7.11 40.43
CA VAL D 125 -49.09 -7.11 40.39
C VAL D 125 -49.64 -6.53 39.10
N LEU D 126 -50.51 -7.28 38.43
CA LEU D 126 -51.14 -6.86 37.17
C LEU D 126 -52.48 -7.55 36.92
N ASN D 127 -53.28 -7.00 36.01
CA ASN D 127 -54.58 -7.56 35.65
C ASN D 127 -54.49 -8.27 34.31
N PRO D 128 -55.42 -9.28 34.06
CA PRO D 128 -55.26 -9.93 32.75
C PRO D 128 -55.45 -8.91 31.66
N SER D 129 -56.39 -7.99 31.83
CA SER D 129 -56.61 -6.99 30.80
C SER D 129 -55.28 -6.26 30.62
N GLN D 130 -54.61 -6.00 31.73
CA GLN D 130 -53.30 -5.37 31.70
C GLN D 130 -52.42 -6.40 30.99
N GLN D 131 -52.63 -7.65 31.35
CA GLN D 131 -51.93 -8.76 30.73
C GLN D 131 -52.31 -8.93 29.27
N LEU D 132 -53.61 -8.78 28.99
CA LEU D 132 -54.13 -8.88 27.63
C LEU D 132 -53.63 -7.76 26.71
N ALA D 133 -53.61 -6.54 27.26
CA ALA D 133 -53.15 -5.37 26.50
C ALA D 133 -51.65 -5.09 26.59
N ILE D 134 -51.12 -5.19 27.81
CA ILE D 134 -49.73 -4.94 28.08
C ILE D 134 -48.81 -5.94 27.40
N ALA D 135 -49.21 -7.20 27.38
CA ALA D 135 -48.38 -8.23 26.80
C ALA D 135 -47.98 -7.93 25.38
N VAL D 136 -48.90 -7.40 24.58
CA VAL D 136 -48.60 -7.11 23.18
C VAL D 136 -47.50 -6.06 22.98
N LEU D 137 -47.52 -4.98 23.73
CA LEU D 137 -46.48 -3.99 23.52
C LEU D 137 -45.12 -4.66 23.49
N SER D 138 -44.89 -5.58 24.39
CA SER D 138 -43.62 -6.28 24.47
C SER D 138 -43.39 -7.02 23.19
N LEU D 139 -44.48 -7.53 22.64
CA LEU D 139 -44.41 -8.35 21.44
C LEU D 139 -44.44 -7.48 20.19
N THR D 140 -45.28 -6.46 20.18
CA THR D 140 -45.32 -5.60 19.02
C THR D 140 -44.01 -4.83 18.86
N LEU D 141 -43.54 -4.25 19.96
CA LEU D 141 -42.31 -3.47 19.91
C LEU D 141 -41.11 -4.34 19.62
N GLY D 142 -41.08 -5.51 20.24
CA GLY D 142 -39.97 -6.41 20.04
C GLY D 142 -39.81 -6.89 18.62
N THR D 143 -40.92 -7.20 17.95
CA THR D 143 -40.86 -7.69 16.58
C THR D 143 -40.31 -6.66 15.60
N PHE D 144 -40.82 -5.42 15.70
CA PHE D 144 -40.38 -4.32 14.87
C PHE D 144 -38.93 -4.02 15.16
N THR D 145 -38.59 -4.04 16.45
CA THR D 145 -37.25 -3.75 16.88
C THR D 145 -36.30 -4.74 16.28
N VAL D 146 -36.65 -6.01 16.36
CA VAL D 146 -35.76 -7.03 15.85
C VAL D 146 -35.57 -6.87 14.37
N LEU D 147 -36.66 -6.65 13.64
CA LEU D 147 -36.52 -6.54 12.21
C LEU D 147 -35.66 -5.35 11.82
N GLU D 148 -35.92 -4.21 12.45
CA GLU D 148 -35.18 -3.02 12.09
C GLU D 148 -33.72 -3.19 12.40
N ASN D 149 -33.39 -3.62 13.59
CA ASN D 149 -31.98 -3.75 13.90
C ASN D 149 -31.28 -4.78 13.02
N LEU D 150 -31.95 -5.89 12.72
CA LEU D 150 -31.35 -6.94 11.93
C LEU D 150 -30.98 -6.44 10.56
N LEU D 151 -31.87 -5.64 10.00
CA LEU D 151 -31.70 -5.13 8.64
C LEU D 151 -30.52 -4.16 8.58
N VAL D 152 -30.39 -3.30 9.58
CA VAL D 152 -29.26 -2.39 9.61
C VAL D 152 -27.96 -3.16 9.73
N LEU D 153 -28.00 -4.18 10.56
CA LEU D 153 -26.81 -4.93 10.85
C LEU D 153 -26.23 -5.51 9.61
N CYS D 154 -27.06 -5.98 8.70
CA CYS D 154 -26.52 -6.64 7.52
C CYS D 154 -25.62 -5.80 6.63
N VAL D 155 -26.08 -4.61 6.25
CA VAL D 155 -25.35 -3.78 5.31
C VAL D 155 -24.00 -3.40 5.85
N ILE D 156 -23.96 -2.99 7.11
CA ILE D 156 -22.69 -2.65 7.72
C ILE D 156 -21.85 -3.90 7.87
N LEU D 157 -22.49 -5.02 8.23
CA LEU D 157 -21.81 -6.29 8.47
C LEU D 157 -21.09 -6.91 7.28
N HIS D 158 -21.71 -6.95 6.12
CA HIS D 158 -20.98 -7.52 5.02
C HIS D 158 -19.79 -6.59 4.93
N SER D 159 -18.59 -7.15 4.87
CA SER D 159 -17.40 -6.33 4.80
C SER D 159 -17.54 -5.60 3.49
N ARG D 160 -17.40 -4.29 3.56
CA ARG D 160 -17.61 -3.47 2.38
C ARG D 160 -17.04 -2.11 2.63
N SER D 161 -17.52 -1.17 1.85
CA SER D 161 -17.06 0.20 1.97
C SER D 161 -17.31 0.71 3.37
N LEU D 162 -18.44 0.37 3.98
CA LEU D 162 -18.71 0.93 5.29
C LEU D 162 -17.86 0.33 6.39
N ARG D 163 -17.58 -0.96 6.28
CA ARG D 163 -16.84 -1.67 7.32
C ARG D 163 -15.45 -1.12 7.68
N CYS D 164 -14.70 -0.62 6.71
CA CYS D 164 -13.34 -0.15 7.00
C CYS D 164 -13.20 0.98 8.04
N ARG D 165 -14.06 1.99 7.95
CA ARG D 165 -14.03 3.11 8.89
C ARG D 165 -14.33 2.59 10.27
N PRO D 166 -13.66 3.11 11.29
CA PRO D 166 -13.92 2.63 12.65
C PRO D 166 -15.24 3.09 13.25
N SER D 167 -15.69 4.27 12.87
CA SER D 167 -16.88 4.87 13.43
C SER D 167 -18.09 4.04 13.19
N TYR D 168 -18.16 3.45 12.01
CA TYR D 168 -19.30 2.63 11.66
C TYR D 168 -19.52 1.42 12.53
N HIS D 169 -18.45 0.83 13.04
CA HIS D 169 -18.64 -0.32 13.91
C HIS D 169 -19.47 0.07 15.13
N PHE D 170 -19.17 1.18 15.80
CA PHE D 170 -19.95 1.53 16.97
C PHE D 170 -21.45 1.52 16.70
N ILE D 171 -21.85 1.95 15.51
CA ILE D 171 -23.23 1.86 15.14
C ILE D 171 -23.65 0.42 15.20
N GLY D 172 -22.92 -0.48 14.56
CA GLY D 172 -23.25 -1.89 14.62
C GLY D 172 -23.14 -2.42 16.03
N SER D 173 -22.13 -1.99 16.78
CA SER D 173 -21.92 -2.48 18.13
C SER D 173 -23.09 -2.13 19.00
N LEU D 174 -23.58 -0.92 18.87
CA LEU D 174 -24.86 -0.54 19.43
C LEU D 174 -25.99 -1.33 18.79
N ALA D 175 -25.91 -1.56 17.49
CA ALA D 175 -26.97 -2.28 16.79
C ALA D 175 -27.19 -3.75 17.21
N VAL D 176 -26.15 -4.51 17.48
CA VAL D 176 -26.40 -5.83 18.01
C VAL D 176 -27.09 -5.74 19.37
N ALA D 177 -26.65 -4.83 20.22
CA ALA D 177 -27.01 -4.87 21.63
C ALA D 177 -28.50 -4.71 21.82
N ASP D 178 -29.11 -3.84 21.04
CA ASP D 178 -30.56 -3.71 21.05
C ASP D 178 -31.25 -4.98 20.59
N LEU D 179 -30.69 -5.69 19.63
CA LEU D 179 -31.22 -7.02 19.30
C LEU D 179 -31.04 -8.01 20.45
N LEU D 180 -29.84 -8.11 21.00
CA LEU D 180 -29.59 -9.00 22.10
C LEU D 180 -30.52 -8.67 23.24
N GLY D 181 -30.64 -7.39 23.55
CA GLY D 181 -31.49 -6.97 24.64
C GLY D 181 -32.93 -7.33 24.39
N SER D 182 -33.37 -7.20 23.15
CA SER D 182 -34.74 -7.52 22.80
C SER D 182 -35.12 -8.99 22.92
N VAL D 183 -34.28 -9.89 22.45
CA VAL D 183 -34.61 -11.30 22.58
C VAL D 183 -34.62 -11.70 24.03
N ILE D 184 -33.57 -11.31 24.74
CA ILE D 184 -33.42 -11.67 26.13
C ILE D 184 -34.47 -11.09 27.04
N PHE D 185 -34.83 -9.85 26.80
CA PHE D 185 -35.75 -9.16 27.68
C PHE D 185 -37.20 -9.46 27.36
N VAL D 186 -37.55 -9.63 26.09
CA VAL D 186 -38.95 -9.86 25.80
C VAL D 186 -39.44 -11.13 26.46
N TYR D 187 -38.67 -12.21 26.34
CA TYR D 187 -39.03 -13.46 26.97
C TYR D 187 -38.93 -13.45 28.47
N SER D 188 -37.86 -12.88 29.00
CA SER D 188 -37.69 -12.85 30.44
C SER D 188 -38.75 -12.02 31.10
N PHE D 189 -39.09 -10.91 30.48
CA PHE D 189 -40.08 -10.01 31.07
C PHE D 189 -41.48 -10.60 30.92
N ILE D 190 -41.78 -11.16 29.76
CA ILE D 190 -43.11 -11.72 29.60
C ILE D 190 -43.35 -12.89 30.56
N ASP D 191 -42.36 -13.73 30.77
CA ASP D 191 -42.58 -14.82 31.67
C ASP D 191 -42.82 -14.40 33.12
N PHE D 192 -41.95 -13.58 33.73
CA PHE D 192 -42.17 -13.21 35.14
C PHE D 192 -43.30 -12.26 35.59
N HIS D 193 -43.45 -11.09 34.99
CA HIS D 193 -44.53 -10.21 35.44
C HIS D 193 -45.85 -10.86 35.11
N VAL D 194 -45.87 -11.41 33.89
CA VAL D 194 -47.01 -12.11 33.29
C VAL D 194 -46.99 -13.56 33.73
N PHE D 195 -48.13 -14.25 33.60
CA PHE D 195 -48.26 -15.66 33.96
C PHE D 195 -47.80 -15.85 35.40
N HIS D 196 -46.93 -16.84 35.57
CA HIS D 196 -46.32 -17.16 36.82
C HIS D 196 -44.92 -17.59 36.46
N ARG D 197 -44.03 -17.41 37.41
CA ARG D 197 -42.61 -17.72 37.26
C ARG D 197 -41.93 -18.59 38.30
N LYS D 198 -40.72 -19.01 37.97
CA LYS D 198 -39.89 -19.83 38.83
C LYS D 198 -38.54 -19.16 39.07
N ASP D 199 -38.00 -19.27 40.28
CA ASP D 199 -36.71 -18.64 40.58
C ASP D 199 -35.90 -19.25 41.73
N SER D 200 -34.62 -18.86 41.81
CA SER D 200 -33.71 -19.29 42.86
C SER D 200 -32.84 -18.09 43.24
N ARG D 201 -32.32 -18.04 44.46
CA ARG D 201 -31.54 -16.86 44.84
C ARG D 201 -30.40 -16.78 43.86
N ASN D 202 -29.84 -17.92 43.52
CA ASN D 202 -28.78 -17.97 42.53
C ASN D 202 -29.26 -17.60 41.14
N VAL D 203 -30.47 -18.08 40.83
CA VAL D 203 -31.12 -17.88 39.54
C VAL D 203 -31.50 -16.45 39.18
N PHE D 204 -31.95 -15.64 40.14
CA PHE D 204 -32.35 -14.27 39.81
C PHE D 204 -31.23 -13.44 39.22
N LEU D 205 -30.02 -13.57 39.76
CA LEU D 205 -28.88 -12.81 39.27
C LEU D 205 -28.71 -13.16 37.82
N PHE D 206 -28.94 -14.41 37.48
CA PHE D 206 -28.89 -14.82 36.10
C PHE D 206 -30.27 -14.49 35.53
N LYS D 207 -30.37 -14.35 34.22
CA LYS D 207 -31.65 -14.08 33.58
C LYS D 207 -32.05 -12.63 33.76
N LEU D 208 -31.31 -11.94 34.60
CA LEU D 208 -31.51 -10.53 34.85
C LEU D 208 -30.16 -9.94 34.58
N GLY D 209 -29.19 -10.82 34.39
CA GLY D 209 -27.85 -10.43 34.08
C GLY D 209 -27.82 -9.92 32.65
N GLY D 210 -28.53 -10.62 31.77
CA GLY D 210 -28.53 -10.25 30.38
C GLY D 210 -29.14 -8.89 30.08
N VAL D 211 -30.28 -8.65 30.69
CA VAL D 211 -31.00 -7.39 30.49
C VAL D 211 -30.13 -6.27 31.09
N THR D 212 -29.56 -6.53 32.26
CA THR D 212 -28.69 -5.57 32.91
C THR D 212 -27.43 -5.34 32.07
N ALA D 213 -26.91 -6.43 31.52
CA ALA D 213 -25.73 -6.41 30.68
C ALA D 213 -26.05 -5.77 29.34
N SER D 214 -27.24 -6.02 28.79
CA SER D 214 -27.52 -5.48 27.46
C SER D 214 -27.89 -4.01 27.46
N PHE D 215 -28.83 -3.60 28.32
CA PHE D 215 -29.14 -2.17 28.42
C PHE D 215 -27.89 -1.35 28.69
N THR D 216 -27.09 -1.76 29.67
CA THR D 216 -25.88 -0.99 29.95
C THR D 216 -24.99 -0.97 28.72
N ALA D 217 -24.91 -2.08 28.00
CA ALA D 217 -24.08 -2.09 26.80
C ALA D 217 -24.60 -1.10 25.77
N SER D 218 -25.93 -1.00 25.64
CA SER D 218 -26.47 -0.03 24.71
C SER D 218 -26.02 1.38 25.07
N VAL D 219 -26.06 1.72 26.35
CA VAL D 219 -25.60 3.04 26.73
C VAL D 219 -24.13 3.17 26.42
N GLY D 220 -23.37 2.11 26.67
CA GLY D 220 -21.95 2.15 26.37
C GLY D 220 -21.69 2.39 24.90
N SER D 221 -22.62 2.01 24.02
CA SER D 221 -22.40 2.31 22.62
C SER D 221 -22.81 3.74 22.28
N LEU D 222 -23.87 4.25 22.89
CA LEU D 222 -24.25 5.63 22.63
C LEU D 222 -23.17 6.59 23.08
N PHE D 223 -22.45 6.22 24.12
CA PHE D 223 -21.36 7.04 24.64
C PHE D 223 -20.07 6.93 23.82
N LEU D 224 -19.95 5.95 22.96
CA LEU D 224 -18.75 5.85 22.15
C LEU D 224 -18.87 6.55 20.82
N THR D 225 -20.08 6.80 20.34
CA THR D 225 -20.20 7.68 19.20
C THR D 225 -20.07 9.13 19.63
N ALA D 226 -20.46 9.45 20.86
CA ALA D 226 -20.37 10.84 21.30
C ALA D 226 -18.93 11.25 21.49
N ILE D 227 -18.07 10.28 21.71
CA ILE D 227 -16.66 10.52 21.86
C ILE D 227 -16.02 10.63 20.50
N ASP D 228 -16.66 10.08 19.50
CA ASP D 228 -16.18 10.17 18.12
C ASP D 228 -16.59 11.50 17.49
N ARG D 229 -17.85 11.86 17.65
CA ARG D 229 -18.38 13.06 17.07
C ARG D 229 -17.99 14.30 17.85
N TYR D 230 -17.34 14.14 19.00
CA TYR D 230 -16.77 15.26 19.73
C TYR D 230 -15.38 15.56 19.21
N ILE D 231 -14.62 14.50 18.91
CA ILE D 231 -13.27 14.67 18.40
C ILE D 231 -13.33 15.17 16.97
N SER D 232 -14.41 14.88 16.26
CA SER D 232 -14.47 15.30 14.86
C SER D 232 -14.36 16.81 14.74
N ILE D 233 -14.96 17.56 15.66
CA ILE D 233 -14.88 19.02 15.60
C ILE D 233 -13.92 19.62 16.63
N HIS D 234 -13.61 18.88 17.70
CA HIS D 234 -12.70 19.45 18.70
C HIS D 234 -11.29 19.61 18.14
N ARG D 235 -10.83 18.59 17.41
CA ARG D 235 -9.53 18.59 16.76
C ARG D 235 -9.72 18.11 15.32
N PRO D 236 -10.30 18.94 14.46
CA PRO D 236 -10.61 18.43 13.13
C PRO D 236 -9.41 17.98 12.33
N LEU D 237 -8.30 18.71 12.42
CA LEU D 237 -7.10 18.37 11.65
C LEU D 237 -6.59 16.99 12.02
N ALA D 238 -6.60 16.67 13.30
CA ALA D 238 -6.09 15.42 13.81
C ALA D 238 -7.14 14.32 13.85
N TYR D 239 -8.38 14.60 13.44
CA TYR D 239 -9.42 13.59 13.58
C TYR D 239 -9.13 12.31 12.79
N LYS D 240 -8.57 12.44 11.59
CA LYS D 240 -8.31 11.21 10.86
C LYS D 240 -7.09 10.47 11.36
N ARG D 241 -6.20 11.17 12.04
CA ARG D 241 -5.01 10.60 12.63
C ARG D 241 -5.17 9.73 13.87
N ILE D 242 -5.79 10.29 14.91
CA ILE D 242 -6.00 9.57 16.17
C ILE D 242 -6.97 8.40 16.17
N VAL D 243 -8.08 8.51 15.46
CA VAL D 243 -9.01 7.41 15.45
C VAL D 243 -8.62 6.48 14.34
N THR D 244 -8.04 5.35 14.73
CA THR D 244 -7.55 4.36 13.79
C THR D 244 -8.30 3.07 14.03
N ARG D 245 -8.25 2.16 13.08
CA ARG D 245 -9.00 0.93 13.22
C ARG D 245 -8.62 0.13 14.46
N PRO D 246 -7.35 0.13 14.84
CA PRO D 246 -6.99 -0.66 16.03
C PRO D 246 -7.40 -0.02 17.34
N LYS D 247 -7.19 1.30 17.50
CA LYS D 247 -7.56 1.92 18.77
C LYS D 247 -9.06 1.79 19.00
N ALA D 248 -9.85 1.94 17.93
CA ALA D 248 -11.30 1.81 18.07
C ALA D 248 -11.66 0.39 18.50
N VAL D 249 -11.02 -0.61 17.90
CA VAL D 249 -11.34 -1.99 18.27
C VAL D 249 -10.97 -2.24 19.74
N VAL D 250 -9.87 -1.64 20.18
CA VAL D 250 -9.47 -1.78 21.59
C VAL D 250 -10.54 -1.21 22.50
N ALA D 251 -11.01 0.00 22.20
CA ALA D 251 -12.08 0.58 23.03
C ALA D 251 -13.35 -0.27 22.96
N PHE D 252 -13.60 -0.86 21.80
CA PHE D 252 -14.77 -1.71 21.56
C PHE D 252 -14.77 -2.90 22.53
N CYS D 253 -13.67 -3.65 22.51
CA CYS D 253 -13.55 -4.82 23.37
C CYS D 253 -13.54 -4.40 24.83
N LEU D 254 -12.87 -3.31 25.17
CA LEU D 254 -12.84 -2.88 26.57
C LEU D 254 -14.25 -2.57 27.06
N MET D 255 -15.05 -1.94 26.19
CA MET D 255 -16.40 -1.55 26.54
C MET D 255 -17.18 -2.78 26.89
N TRP D 256 -17.03 -3.82 26.08
CA TRP D 256 -17.70 -5.03 26.44
C TRP D 256 -17.18 -5.74 27.70
N THR D 257 -15.86 -5.71 27.92
CA THR D 257 -15.32 -6.38 29.10
C THR D 257 -15.89 -5.72 30.35
N ILE D 258 -15.86 -4.40 30.36
CA ILE D 258 -16.43 -3.60 31.45
C ILE D 258 -17.92 -3.84 31.64
N ALA D 259 -18.67 -3.97 30.55
CA ALA D 259 -20.12 -4.20 30.69
C ALA D 259 -20.55 -5.54 31.25
N ILE D 260 -19.99 -6.60 30.69
CA ILE D 260 -20.37 -7.93 31.14
C ILE D 260 -19.94 -8.17 32.55
N VAL D 261 -18.74 -7.75 32.89
CA VAL D 261 -18.26 -8.00 34.23
C VAL D 261 -19.13 -7.34 35.27
N ILE D 262 -19.45 -6.06 35.09
CA ILE D 262 -20.29 -5.39 36.07
C ILE D 262 -21.67 -6.02 36.12
N ALA D 263 -22.16 -6.48 34.98
CA ALA D 263 -23.48 -7.07 34.92
C ALA D 263 -23.71 -8.28 35.83
N VAL D 264 -22.73 -9.16 35.94
CA VAL D 264 -22.90 -10.37 36.76
C VAL D 264 -22.37 -10.31 38.19
N LEU D 265 -21.96 -9.13 38.64
CA LEU D 265 -21.38 -8.98 39.98
C LEU D 265 -22.32 -9.38 41.10
N PRO D 266 -23.69 -9.35 40.84
CA PRO D 266 -24.52 -9.76 41.98
C PRO D 266 -24.36 -11.24 42.41
N LEU D 267 -24.30 -12.17 41.46
CA LEU D 267 -24.15 -13.59 41.79
C LEU D 267 -23.08 -13.82 42.83
N LEU D 268 -21.96 -13.16 42.60
CA LEU D 268 -20.78 -13.15 43.40
C LEU D 268 -21.17 -12.60 44.76
N GLY D 269 -22.20 -11.78 44.83
CA GLY D 269 -22.55 -11.32 46.15
C GLY D 269 -23.75 -10.42 46.28
N TRP D 270 -24.35 -10.39 47.46
CA TRP D 270 -25.45 -9.45 47.72
C TRP D 270 -26.79 -9.87 47.11
N ASN D 271 -27.10 -11.14 47.26
CA ASN D 271 -28.40 -11.65 46.89
C ASN D 271 -29.39 -10.93 47.82
N CYS D 272 -28.94 -10.69 49.06
CA CYS D 272 -29.59 -10.02 50.20
C CYS D 272 -30.53 -10.90 51.02
N CYS D 279 -33.32 -3.80 53.01
CA CYS D 279 -32.99 -4.04 51.62
C CYS D 279 -34.01 -3.48 50.63
N SER D 280 -33.77 -3.80 49.36
CA SER D 280 -34.53 -3.29 48.22
C SER D 280 -35.94 -3.75 48.05
N ASP D 281 -36.80 -2.83 47.59
CA ASP D 281 -38.19 -3.11 47.33
C ASP D 281 -38.50 -2.95 45.86
N ILE D 282 -37.54 -2.42 45.10
CA ILE D 282 -37.74 -2.21 43.66
C ILE D 282 -37.87 -3.49 42.84
N PHE D 283 -37.02 -4.46 43.16
CA PHE D 283 -36.99 -5.75 42.51
C PHE D 283 -36.98 -6.80 43.62
N PRO D 284 -37.41 -8.03 43.34
CA PRO D 284 -37.52 -8.95 44.46
C PRO D 284 -36.24 -9.28 45.26
N HIS D 285 -35.14 -9.53 44.57
CA HIS D 285 -33.87 -9.91 45.20
C HIS D 285 -32.67 -8.96 45.25
N ILE D 286 -32.45 -8.25 44.15
CA ILE D 286 -31.22 -7.50 43.97
C ILE D 286 -30.89 -6.56 45.13
N ASP D 287 -29.60 -6.40 45.38
CA ASP D 287 -29.13 -5.62 46.53
C ASP D 287 -29.35 -4.15 46.35
N GLU D 288 -29.82 -3.49 47.40
CA GLU D 288 -30.14 -2.08 47.38
C GLU D 288 -28.90 -1.26 47.01
N THR D 289 -27.73 -1.74 47.38
CA THR D 289 -26.47 -1.07 47.02
C THR D 289 -26.29 -1.03 45.50
N TYR D 290 -26.66 -2.13 44.84
CA TYR D 290 -26.63 -2.29 43.40
C TYR D 290 -27.60 -1.40 42.65
N LEU D 291 -28.77 -1.18 43.22
CA LEU D 291 -29.80 -0.40 42.56
C LEU D 291 -29.50 1.08 42.64
N MET D 292 -28.59 1.40 43.55
CA MET D 292 -28.13 2.77 43.78
C MET D 292 -26.69 2.96 43.35
N PHE D 293 -26.09 1.93 42.74
CA PHE D 293 -24.75 2.09 42.21
C PHE D 293 -24.83 2.15 40.71
N TRP D 294 -25.73 1.35 40.16
CA TRP D 294 -25.97 1.30 38.74
C TRP D 294 -26.61 2.58 38.23
N ILE D 295 -27.51 3.14 39.01
CA ILE D 295 -28.23 4.31 38.59
C ILE D 295 -27.35 5.53 38.33
N GLY D 296 -26.38 5.76 39.21
CA GLY D 296 -25.45 6.88 39.18
C GLY D 296 -24.52 6.82 37.99
N VAL D 297 -23.99 5.63 37.69
CA VAL D 297 -23.09 5.50 36.54
C VAL D 297 -23.82 5.83 35.24
N THR D 298 -25.04 5.31 35.08
CA THR D 298 -25.77 5.62 33.86
C THR D 298 -26.07 7.11 33.76
N SER D 299 -26.44 7.72 34.89
CA SER D 299 -26.72 9.16 34.89
C SER D 299 -25.48 9.95 34.51
N VAL D 300 -24.33 9.48 34.97
CA VAL D 300 -23.04 10.03 34.59
C VAL D 300 -22.67 9.78 33.13
N LEU D 301 -22.88 8.57 32.64
CA LEU D 301 -22.74 8.31 31.22
C LEU D 301 -23.75 9.06 30.37
N LEU D 302 -24.99 9.13 30.81
CA LEU D 302 -25.95 9.91 30.09
C LEU D 302 -25.58 11.36 30.10
N LEU D 303 -25.10 11.88 31.21
CA LEU D 303 -24.84 13.31 31.27
C LEU D 303 -23.78 13.69 30.25
N PHE D 304 -22.70 12.92 30.16
CA PHE D 304 -21.61 13.36 29.31
C PHE D 304 -22.00 13.45 27.85
N ILE D 305 -22.75 12.48 27.35
CA ILE D 305 -23.24 12.59 25.99
C ILE D 305 -24.19 13.74 25.81
N VAL D 306 -25.00 14.05 26.79
CA VAL D 306 -25.80 15.26 26.72
C VAL D 306 -24.97 16.52 26.66
N TYR D 307 -23.85 16.57 27.36
CA TYR D 307 -22.99 17.72 27.20
C TYR D 307 -22.41 17.82 25.81
N ALA D 308 -21.95 16.71 25.25
CA ALA D 308 -21.06 16.76 24.10
C ALA D 308 -21.86 16.64 22.84
N TYR D 309 -23.16 16.75 22.97
CA TYR D 309 -23.96 17.18 21.87
C TYR D 309 -24.24 18.66 21.94
N MET D 310 -24.28 19.28 23.11
CA MET D 310 -24.56 20.71 23.07
C MET D 310 -23.33 21.45 22.59
N TYR D 311 -22.15 21.05 23.09
CA TYR D 311 -20.89 21.69 22.70
C TYR D 311 -20.66 21.60 21.20
N ILE D 312 -20.89 20.43 20.61
CA ILE D 312 -20.76 20.29 19.16
C ILE D 312 -21.61 21.33 18.46
N LEU D 313 -22.86 21.48 18.91
CA LEU D 313 -23.73 22.45 18.29
C LEU D 313 -23.15 23.86 18.42
N TRP D 314 -22.62 24.19 19.60
CA TRP D 314 -22.05 25.51 19.83
C TRP D 314 -20.88 25.82 18.90
N LYS D 315 -19.95 24.89 18.76
CA LYS D 315 -18.81 25.14 17.88
C LYS D 315 -19.26 25.28 16.43
N ALA D 316 -20.23 24.48 16.00
CA ALA D 316 -20.68 24.61 14.61
C ALA D 316 -21.31 25.98 14.39
N HIS D 317 -22.10 26.46 15.35
CA HIS D 317 -22.72 27.77 15.17
C HIS D 317 -21.68 28.87 15.17
N SER D 318 -20.66 28.77 16.02
CA SER D 318 -19.66 29.84 16.03
C SER D 318 -18.93 29.88 14.70
N HIS D 319 -18.54 28.72 14.17
CA HIS D 319 -17.82 28.70 12.92
C HIS D 319 -18.68 29.18 11.76
N ALA D 320 -19.99 28.93 11.80
CA ALA D 320 -20.79 29.32 10.66
C ALA D 320 -21.20 30.78 10.73
N VAL D 321 -21.27 31.37 11.92
CA VAL D 321 -21.43 32.81 11.98
C VAL D 321 -20.14 33.50 11.58
N ARG D 322 -19.02 32.97 11.98
CA ARG D 322 -17.79 33.62 11.57
C ARG D 322 -17.62 33.59 10.07
N MET D 323 -17.95 32.50 9.40
CA MET D 323 -17.72 32.47 7.96
C MET D 323 -18.44 33.62 7.27
N ILE D 324 -19.77 33.68 7.39
CA ILE D 324 -20.50 34.74 6.69
C ILE D 324 -20.11 36.12 7.21
N GLN D 325 -19.82 36.21 8.50
CA GLN D 325 -19.46 37.48 9.13
C GLN D 325 -18.23 38.03 8.46
N ARG D 326 -17.32 37.12 8.14
CA ARG D 326 -16.07 37.45 7.45
C ARG D 326 -16.28 37.40 5.94
N GLY D 327 -15.20 37.36 5.19
CA GLY D 327 -15.35 37.40 3.76
C GLY D 327 -16.17 36.29 3.12
N THR D 328 -16.05 35.06 3.59
CA THR D 328 -16.77 33.99 2.91
C THR D 328 -17.93 33.39 3.69
N ALA D 350 -25.58 30.24 7.23
CA ALA D 350 -25.71 29.49 8.45
C ALA D 350 -26.32 28.13 8.16
N ARG D 351 -25.88 27.51 7.07
CA ARG D 351 -26.48 26.26 6.66
C ARG D 351 -26.01 25.10 7.53
N MET D 352 -24.76 25.16 8.01
CA MET D 352 -24.23 24.05 8.80
C MET D 352 -24.78 24.07 10.22
N ASP D 353 -24.91 25.25 10.83
CA ASP D 353 -25.39 25.32 12.19
C ASP D 353 -26.89 25.09 12.28
N ILE D 354 -27.60 25.19 11.17
CA ILE D 354 -29.02 24.86 11.15
C ILE D 354 -29.24 23.40 10.75
N ARG D 355 -28.39 22.83 9.91
CA ARG D 355 -28.57 21.43 9.53
C ARG D 355 -28.28 20.51 10.70
N LEU D 356 -27.29 20.84 11.54
CA LEU D 356 -26.98 19.98 12.68
C LEU D 356 -28.01 20.10 13.79
N ALA D 357 -28.64 21.26 13.95
CA ALA D 357 -29.61 21.43 15.03
C ALA D 357 -30.78 20.48 14.85
N LYS D 358 -31.21 20.25 13.61
CA LYS D 358 -32.35 19.37 13.36
C LYS D 358 -32.07 17.96 13.86
N THR D 359 -30.88 17.44 13.58
CA THR D 359 -30.52 16.10 14.05
C THR D 359 -30.25 16.08 15.55
N LEU D 360 -29.49 17.04 16.06
CA LEU D 360 -29.09 17.00 17.46
C LEU D 360 -30.28 17.16 18.40
N VAL D 361 -31.22 18.06 18.11
CA VAL D 361 -32.36 18.16 19.01
C VAL D 361 -33.18 16.88 18.98
N LEU D 362 -33.23 16.22 17.81
CA LEU D 362 -33.95 14.97 17.71
C LEU D 362 -33.31 13.89 18.55
N ILE D 363 -31.99 13.91 18.67
CA ILE D 363 -31.33 12.90 19.48
C ILE D 363 -31.49 13.21 20.96
N LEU D 364 -31.28 14.47 21.33
CA LEU D 364 -31.28 14.81 22.74
C LEU D 364 -32.67 14.74 23.36
N VAL D 365 -33.74 14.84 22.57
CA VAL D 365 -35.05 14.69 23.19
C VAL D 365 -35.38 13.22 23.42
N VAL D 366 -35.02 12.33 22.49
CA VAL D 366 -35.37 10.93 22.67
C VAL D 366 -34.51 10.31 23.77
N LEU D 367 -33.24 10.69 23.85
CA LEU D 367 -32.43 10.10 24.91
C LEU D 367 -32.75 10.65 26.29
N ILE D 368 -33.60 11.67 26.38
CA ILE D 368 -34.07 12.13 27.68
C ILE D 368 -35.46 11.56 27.96
N ILE D 369 -36.20 11.22 26.91
CA ILE D 369 -37.49 10.57 27.11
C ILE D 369 -37.32 9.13 27.57
N CYS D 370 -36.42 8.39 26.94
CA CYS D 370 -36.27 6.98 27.29
C CYS D 370 -35.91 6.78 28.76
N TRP D 371 -35.02 7.59 29.31
CA TRP D 371 -34.65 7.42 30.71
C TRP D 371 -35.12 8.51 31.65
N GLY D 372 -35.99 9.42 31.22
CA GLY D 372 -36.46 10.44 32.12
C GLY D 372 -37.30 9.85 33.23
N PRO D 373 -38.25 9.00 32.89
CA PRO D 373 -39.03 8.33 33.92
C PRO D 373 -38.32 7.15 34.56
N LEU D 374 -37.58 6.37 33.79
CA LEU D 374 -36.98 5.15 34.35
C LEU D 374 -36.04 5.47 35.49
N LEU D 375 -35.22 6.51 35.38
CA LEU D 375 -34.20 6.70 36.38
C LEU D 375 -34.69 7.58 37.52
N ALA D 376 -35.93 8.01 37.46
CA ALA D 376 -36.60 8.73 38.54
C ALA D 376 -37.49 7.79 39.35
N ILE D 377 -38.27 6.98 38.65
CA ILE D 377 -39.16 6.02 39.31
C ILE D 377 -38.37 5.02 40.13
N MET D 378 -37.27 4.58 39.50
CA MET D 378 -36.33 3.60 40.05
C MET D 378 -35.68 4.17 41.28
N VAL D 379 -35.35 5.44 41.21
CA VAL D 379 -34.78 6.09 42.38
C VAL D 379 -35.91 6.73 43.16
N TYR D 380 -37.14 6.54 42.70
CA TYR D 380 -38.30 7.13 43.33
C TYR D 380 -38.56 6.66 44.75
N ASP D 381 -39.07 7.61 45.53
CA ASP D 381 -39.45 7.43 46.92
C ASP D 381 -40.90 7.84 46.87
N VAL D 382 -41.79 7.05 47.43
CA VAL D 382 -43.22 7.38 47.37
C VAL D 382 -44.00 6.74 48.51
N PHE D 383 -45.32 6.89 48.48
CA PHE D 383 -46.13 6.29 49.55
C PHE D 383 -46.18 4.77 49.53
N GLY D 384 -45.67 4.14 50.59
CA GLY D 384 -45.65 2.69 50.69
C GLY D 384 -45.01 2.14 49.44
N LYS D 385 -43.78 2.61 49.17
CA LYS D 385 -43.02 2.28 47.96
C LYS D 385 -43.98 2.80 46.92
N MET D 386 -44.44 1.91 46.06
CA MET D 386 -45.40 2.27 45.03
C MET D 386 -46.57 1.36 45.34
N ASN D 387 -47.76 1.93 45.31
CA ASN D 387 -48.90 1.10 45.62
C ASN D 387 -49.25 0.12 44.49
N LYS D 388 -50.41 -0.49 44.64
CA LYS D 388 -50.84 -1.45 43.67
C LYS D 388 -50.99 -0.68 42.36
N LEU D 389 -50.89 0.64 42.52
CA LEU D 389 -50.96 1.58 41.41
C LEU D 389 -49.57 2.04 41.02
N ILE D 390 -48.81 2.58 41.95
CA ILE D 390 -47.47 3.07 41.62
C ILE D 390 -46.51 2.00 41.14
N LYS D 391 -46.48 0.86 41.81
CA LYS D 391 -45.60 -0.20 41.39
C LYS D 391 -46.04 -0.71 40.03
N THR D 392 -47.35 -0.79 39.82
CA THR D 392 -47.84 -1.29 38.52
C THR D 392 -47.45 -0.36 37.39
N VAL D 393 -47.45 0.96 37.64
CA VAL D 393 -47.11 1.91 36.60
C VAL D 393 -45.70 1.65 36.07
N PHE D 394 -44.77 1.29 36.96
CA PHE D 394 -43.41 1.02 36.52
C PHE D 394 -43.34 -0.10 35.51
N ALA D 395 -44.24 -1.09 35.60
CA ALA D 395 -44.20 -2.18 34.63
C ALA D 395 -44.40 -1.65 33.22
N PHE D 396 -45.32 -0.70 33.04
CA PHE D 396 -45.52 -0.15 31.71
C PHE D 396 -44.48 0.90 31.37
N CYS D 397 -43.91 1.57 32.37
CA CYS D 397 -42.80 2.47 32.10
C CYS D 397 -41.60 1.70 31.58
N SER D 398 -41.50 0.41 31.93
CA SER D 398 -40.41 -0.41 31.42
C SER D 398 -40.58 -0.66 29.93
N MET D 399 -41.82 -0.61 29.44
CA MET D 399 -42.08 -0.93 28.05
C MET D 399 -41.33 0.00 27.10
N LEU D 400 -41.24 1.27 27.45
CA LEU D 400 -40.55 2.22 26.57
C LEU D 400 -39.08 1.86 26.41
N CYS D 401 -38.43 1.37 27.47
CA CYS D 401 -37.01 1.09 27.38
C CYS D 401 -36.68 0.20 26.18
N LEU D 402 -37.57 -0.70 25.81
CA LEU D 402 -37.43 -1.42 24.55
C LEU D 402 -37.79 -0.55 23.35
N LEU D 403 -38.51 0.54 23.54
CA LEU D 403 -38.77 1.45 22.42
C LEU D 403 -37.50 2.18 22.00
N ASN D 404 -36.56 2.35 22.91
CA ASN D 404 -35.28 2.93 22.52
C ASN D 404 -34.51 1.98 21.62
N SER D 405 -34.76 0.67 21.75
CA SER D 405 -34.15 -0.27 20.82
C SER D 405 -34.83 -0.22 19.47
N THR D 406 -36.03 0.34 19.41
CA THR D 406 -36.71 0.49 18.14
C THR D 406 -36.25 1.77 17.46
N VAL D 407 -36.05 2.83 18.24
CA VAL D 407 -35.80 4.15 17.67
C VAL D 407 -34.33 4.38 17.34
N ASN D 408 -33.40 3.81 18.10
CA ASN D 408 -31.99 4.09 17.85
C ASN D 408 -31.46 3.72 16.46
N PRO D 409 -31.96 2.71 15.75
CA PRO D 409 -31.51 2.57 14.35
C PRO D 409 -32.07 3.58 13.38
N ILE D 410 -33.28 4.11 13.59
CA ILE D 410 -33.81 5.05 12.62
C ILE D 410 -33.07 6.38 12.71
N ILE D 411 -33.17 7.00 13.88
CA ILE D 411 -32.48 8.24 14.17
C ILE D 411 -30.97 8.14 14.15
N TYR D 412 -30.40 7.14 14.79
CA TYR D 412 -28.94 6.99 14.81
C TYR D 412 -28.22 6.56 13.56
N ALA D 413 -28.76 5.60 12.83
CA ALA D 413 -28.07 5.16 11.62
C ALA D 413 -28.81 5.36 10.32
N LEU D 414 -30.15 5.36 10.32
CA LEU D 414 -30.85 5.52 9.05
C LEU D 414 -30.61 6.87 8.41
N ARG D 415 -30.50 7.92 9.23
CA ARG D 415 -30.35 9.27 8.70
C ARG D 415 -29.05 9.45 7.91
N SER D 416 -27.96 8.81 8.34
CA SER D 416 -26.69 9.02 7.65
C SER D 416 -26.81 8.61 6.20
N LYS D 417 -26.48 9.54 5.32
CA LYS D 417 -26.67 9.39 3.88
C LYS D 417 -25.86 8.24 3.28
N ASP D 418 -24.61 8.07 3.70
CA ASP D 418 -23.81 7.02 3.06
C ASP D 418 -24.39 5.63 3.29
N LEU D 419 -24.85 5.33 4.50
CA LEU D 419 -25.33 3.98 4.78
C LEU D 419 -26.57 3.66 3.97
N ARG D 420 -27.53 4.56 3.95
CA ARG D 420 -28.73 4.25 3.21
C ARG D 420 -28.40 4.06 1.73
N HIS D 421 -27.48 4.84 1.20
CA HIS D 421 -27.15 4.69 -0.21
C HIS D 421 -26.60 3.32 -0.56
N ALA D 422 -25.81 2.71 0.31
CA ALA D 422 -25.31 1.37 0.04
C ALA D 422 -26.50 0.39 -0.05
N PHE D 423 -27.45 0.55 0.84
CA PHE D 423 -28.64 -0.30 0.85
C PHE D 423 -29.50 -0.03 -0.40
N ARG D 424 -29.54 1.22 -0.83
CA ARG D 424 -30.33 1.55 -2.00
C ARG D 424 -29.96 0.77 -3.25
N SER D 425 -28.67 0.56 -3.48
CA SER D 425 -28.17 -0.15 -4.64
C SER D 425 -27.94 -1.64 -4.40
N MET D 426 -28.22 -2.16 -3.22
CA MET D 426 -28.02 -3.58 -2.98
C MET D 426 -29.31 -4.20 -2.44
N VAL E 2 36.32 1.27 5.24
CA VAL E 2 35.22 0.62 5.92
C VAL E 2 35.81 0.10 7.23
N GLN E 3 36.89 0.74 7.65
CA GLN E 3 37.66 0.30 8.80
C GLN E 3 36.90 0.39 10.13
N LEU E 4 37.22 -0.55 11.02
CA LEU E 4 36.73 -0.62 12.39
C LEU E 4 37.96 -0.64 13.26
N VAL E 5 38.14 0.37 14.10
CA VAL E 5 39.28 0.42 15.01
C VAL E 5 38.79 0.17 16.42
N GLU E 6 39.57 -0.53 17.22
CA GLU E 6 39.18 -0.87 18.57
C GLU E 6 40.22 -0.38 19.57
N SER E 7 39.79 -0.20 20.82
CA SER E 7 40.66 0.35 21.85
C SER E 7 40.32 -0.26 23.21
N GLY E 8 41.29 -0.15 24.11
CA GLY E 8 41.25 -0.80 25.41
C GLY E 8 42.46 -1.72 25.57
N GLY E 9 42.23 -2.88 26.20
CA GLY E 9 43.30 -3.85 26.27
C GLY E 9 44.36 -3.57 27.31
N GLY E 10 45.61 -3.74 26.98
CA GLY E 10 46.61 -3.47 27.99
C GLY E 10 46.69 -4.55 29.05
N LEU E 11 47.35 -4.20 30.15
CA LEU E 11 47.68 -5.11 31.24
C LEU E 11 46.73 -4.86 32.40
N VAL E 12 45.96 -5.87 32.79
CA VAL E 12 44.97 -5.72 33.85
C VAL E 12 45.17 -6.76 34.93
N GLN E 13 45.24 -6.33 36.18
CA GLN E 13 45.36 -7.30 37.27
C GLN E 13 44.04 -8.03 37.42
N PRO E 14 44.06 -9.26 37.93
CA PRO E 14 42.81 -10.03 37.99
C PRO E 14 41.80 -9.37 38.92
N GLY E 15 40.53 -9.39 38.49
CA GLY E 15 39.45 -8.83 39.28
C GLY E 15 39.07 -7.41 38.97
N GLY E 16 39.86 -6.67 38.19
CA GLY E 16 39.56 -5.29 37.86
C GLY E 16 38.96 -5.24 36.47
N SER E 17 37.84 -4.55 36.36
CA SER E 17 37.07 -4.56 35.12
C SER E 17 37.37 -3.38 34.18
N ARG E 18 38.11 -3.65 33.11
CA ARG E 18 38.38 -2.70 32.03
C ARG E 18 37.25 -2.76 30.99
N LYS E 19 37.10 -1.70 30.21
CA LYS E 19 36.12 -1.64 29.14
C LYS E 19 36.79 -1.61 27.77
N LEU E 20 36.05 -1.99 26.72
CA LEU E 20 36.58 -2.02 25.35
C LEU E 20 35.65 -1.27 24.42
N SER E 21 36.23 -0.44 23.54
CA SER E 21 35.46 0.35 22.59
C SER E 21 35.82 -0.03 21.16
N CYS E 22 34.85 0.10 20.25
CA CYS E 22 35.08 -0.15 18.82
C CYS E 22 34.37 0.93 18.03
N SER E 23 35.13 1.79 17.35
CA SER E 23 34.61 3.00 16.70
C SER E 23 34.51 2.79 15.20
N ALA E 24 33.30 2.56 14.71
CA ALA E 24 33.10 2.30 13.29
C ALA E 24 33.06 3.59 12.49
N SER E 25 33.49 3.49 11.24
CA SER E 25 33.47 4.64 10.33
C SER E 25 33.54 4.13 8.91
N GLY E 26 32.57 4.51 8.08
CA GLY E 26 32.60 4.16 6.68
C GLY E 26 31.39 3.42 6.16
N PHE E 27 30.44 3.04 7.01
CA PHE E 27 29.25 2.33 6.55
C PHE E 27 28.04 2.79 7.35
N ALA E 28 26.89 2.18 7.05
CA ALA E 28 25.65 2.48 7.75
C ALA E 28 25.60 1.61 9.00
N PHE E 29 25.96 2.20 10.14
CA PHE E 29 26.15 1.40 11.34
C PHE E 29 24.85 0.92 11.92
N SER E 30 23.75 1.62 11.67
CA SER E 30 22.53 1.37 12.42
C SER E 30 21.74 0.17 11.92
N SER E 31 22.18 -0.51 10.86
CA SER E 31 21.42 -1.62 10.33
C SER E 31 22.22 -2.92 10.26
N PHE E 32 23.30 -3.01 11.04
CA PHE E 32 24.13 -4.20 11.11
C PHE E 32 24.11 -4.78 12.52
N GLY E 33 24.03 -6.10 12.61
CA GLY E 33 24.34 -6.76 13.84
C GLY E 33 25.83 -6.75 14.11
N MET E 34 26.19 -7.01 15.34
CA MET E 34 27.59 -6.98 15.71
C MET E 34 27.92 -8.16 16.61
N HIS E 35 29.21 -8.50 16.68
CA HIS E 35 29.72 -9.66 17.40
C HIS E 35 30.98 -9.26 18.13
N TRP E 36 31.56 -10.19 18.87
CA TRP E 36 32.92 -10.12 19.39
C TRP E 36 33.50 -11.51 19.36
N VAL E 37 34.72 -11.66 18.87
CA VAL E 37 35.36 -12.96 18.76
C VAL E 37 36.75 -12.90 19.35
N ARG E 38 37.09 -13.81 20.25
CA ARG E 38 38.39 -13.69 20.86
C ARG E 38 39.30 -14.83 20.47
N GLN E 39 40.59 -14.59 20.58
CA GLN E 39 41.60 -15.56 20.19
C GLN E 39 42.65 -15.60 21.28
N ALA E 40 42.90 -16.77 21.80
CA ALA E 40 43.84 -16.88 22.89
C ALA E 40 45.25 -16.75 22.31
N PRO E 41 46.33 -16.95 23.06
CA PRO E 41 47.65 -16.74 22.45
C PRO E 41 47.96 -17.62 21.24
N GLU E 42 47.61 -18.91 21.24
CA GLU E 42 47.84 -19.73 20.05
C GLU E 42 46.61 -20.48 19.54
N LYS E 43 45.53 -20.57 20.32
CA LYS E 43 44.35 -21.36 20.00
C LYS E 43 43.46 -20.73 18.95
N GLY E 44 42.47 -21.52 18.55
CA GLY E 44 41.49 -21.08 17.60
C GLY E 44 40.50 -20.11 18.21
N LEU E 45 39.82 -19.40 17.33
CA LEU E 45 38.89 -18.35 17.70
C LEU E 45 37.72 -18.87 18.54
N GLU E 46 37.02 -17.93 19.19
CA GLU E 46 35.89 -18.22 20.09
C GLU E 46 34.91 -17.06 20.00
N TRP E 47 33.64 -17.29 20.33
CA TRP E 47 32.57 -16.30 20.18
C TRP E 47 32.06 -15.75 21.51
N VAL E 48 32.48 -14.52 21.84
CA VAL E 48 32.12 -13.89 23.11
C VAL E 48 30.68 -13.38 23.20
N ALA E 49 30.15 -12.71 22.19
CA ALA E 49 28.81 -12.12 22.40
C ALA E 49 28.15 -11.75 21.07
N TYR E 50 27.04 -11.00 21.16
CA TYR E 50 26.28 -10.53 19.99
C TYR E 50 25.40 -9.35 20.36
N ILE E 51 24.96 -8.62 19.32
CA ILE E 51 23.83 -7.68 19.39
C ILE E 51 23.16 -7.64 18.02
N SER E 52 21.84 -7.56 18.01
CA SER E 52 21.10 -7.39 16.77
C SER E 52 21.04 -5.92 16.38
N SER E 53 20.21 -5.62 15.40
CA SER E 53 20.01 -4.24 14.96
C SER E 53 18.97 -3.57 15.85
N GLY E 54 19.30 -2.38 16.34
CA GLY E 54 18.41 -1.73 17.27
C GLY E 54 18.56 -2.19 18.70
N SER E 55 19.56 -3.02 18.98
CA SER E 55 19.83 -3.51 20.33
C SER E 55 18.61 -4.21 20.91
N GLY E 56 17.88 -4.93 20.07
CA GLY E 56 16.66 -5.57 20.52
C GLY E 56 16.84 -7.01 20.93
N THR E 57 18.01 -7.59 20.63
CA THR E 57 18.24 -9.00 20.91
C THR E 57 19.71 -9.20 21.26
N ILE E 58 19.99 -9.67 22.47
CA ILE E 58 21.35 -9.82 22.94
C ILE E 58 21.55 -11.25 23.41
N TYR E 59 22.58 -11.91 22.89
CA TYR E 59 22.98 -13.23 23.34
C TYR E 59 24.36 -13.16 23.97
N TYR E 60 24.78 -14.29 24.54
CA TYR E 60 26.09 -14.39 25.16
C TYR E 60 26.61 -15.81 24.99
N ALA E 61 27.89 -15.98 25.29
CA ALA E 61 28.47 -17.30 25.35
C ALA E 61 28.15 -17.92 26.71
N ASP E 62 28.69 -19.10 26.97
CA ASP E 62 28.38 -19.75 28.23
C ASP E 62 29.35 -19.35 29.32
N THR E 63 30.63 -19.21 29.00
CA THR E 63 31.63 -18.91 30.02
C THR E 63 31.69 -17.43 30.39
N VAL E 64 30.89 -16.58 29.76
CA VAL E 64 30.89 -15.17 30.07
C VAL E 64 29.45 -14.73 30.32
N LYS E 65 28.55 -15.69 30.48
CA LYS E 65 27.16 -15.32 30.69
C LYS E 65 27.06 -14.71 32.09
N GLY E 66 26.63 -13.45 32.16
CA GLY E 66 26.49 -12.72 33.41
C GLY E 66 27.72 -11.97 33.89
N ARG E 67 28.86 -12.08 33.20
CA ARG E 67 30.07 -11.35 33.54
C ARG E 67 30.43 -10.24 32.57
N PHE E 68 29.89 -10.26 31.36
CA PHE E 68 30.22 -9.27 30.36
C PHE E 68 28.93 -8.63 29.92
N THR E 69 29.00 -7.37 29.50
CA THR E 69 27.80 -6.69 29.07
C THR E 69 28.12 -5.87 27.83
N ILE E 70 27.32 -6.06 26.79
CA ILE E 70 27.57 -5.48 25.49
C ILE E 70 26.49 -4.44 25.22
N SER E 71 26.86 -3.34 24.58
CA SER E 71 25.90 -2.27 24.33
C SER E 71 26.41 -1.43 23.17
N ARG E 72 25.49 -0.79 22.46
CA ARG E 72 25.88 -0.07 21.26
C ARG E 72 25.39 1.36 21.35
N ASP E 73 26.07 2.26 20.65
CA ASP E 73 25.76 3.68 20.59
C ASP E 73 25.63 4.04 19.12
N ASP E 74 24.40 4.20 18.64
CA ASP E 74 24.11 4.40 17.22
C ASP E 74 24.43 5.80 16.74
N PRO E 75 24.05 6.86 17.45
CA PRO E 75 24.40 8.20 16.96
C PRO E 75 25.91 8.45 16.92
N LYS E 76 26.65 7.97 17.89
CA LYS E 76 28.09 8.24 17.91
C LYS E 76 28.91 7.16 17.21
N ASN E 77 28.26 6.17 16.59
CA ASN E 77 28.96 5.10 15.88
C ASN E 77 29.98 4.35 16.73
N THR E 78 29.56 3.84 17.88
CA THR E 78 30.53 3.07 18.65
C THR E 78 29.87 1.86 19.27
N LEU E 79 30.63 0.78 19.42
CA LEU E 79 30.18 -0.45 20.06
C LEU E 79 31.02 -0.70 21.30
N PHE E 80 30.37 -0.93 22.44
CA PHE E 80 31.07 -1.07 23.71
C PHE E 80 30.88 -2.48 24.25
N LEU E 81 31.95 -3.04 24.82
CA LEU E 81 31.87 -4.27 25.59
C LEU E 81 32.54 -4.00 26.92
N GLN E 82 31.82 -4.21 28.01
CA GLN E 82 32.35 -3.95 29.34
C GLN E 82 32.50 -5.27 30.08
N MET E 83 33.71 -5.49 30.58
CA MET E 83 34.10 -6.75 31.19
C MET E 83 34.14 -6.52 32.69
N THR E 84 33.75 -7.55 33.44
CA THR E 84 33.70 -7.50 34.90
C THR E 84 34.40 -8.66 35.63
N SER E 85 35.28 -8.34 36.56
CA SER E 85 35.98 -9.36 37.33
C SER E 85 36.68 -10.38 36.45
N LEU E 86 37.56 -9.89 35.59
CA LEU E 86 38.27 -10.75 34.65
C LEU E 86 39.08 -11.81 35.38
N ARG E 87 39.02 -13.04 34.85
CA ARG E 87 39.75 -14.18 35.38
C ARG E 87 41.05 -14.35 34.62
N SER E 88 41.94 -15.18 35.17
CA SER E 88 43.26 -15.32 34.55
C SER E 88 43.17 -15.93 33.16
N GLU E 89 42.06 -16.60 32.85
CA GLU E 89 41.85 -17.29 31.57
C GLU E 89 41.10 -16.45 30.56
N ASP E 90 40.98 -15.15 30.80
CA ASP E 90 40.32 -14.23 29.88
C ASP E 90 41.30 -13.41 29.08
N THR E 91 42.50 -13.94 28.84
CA THR E 91 43.54 -13.27 28.09
C THR E 91 43.38 -13.67 26.64
N ALA E 92 42.95 -12.74 25.80
CA ALA E 92 42.81 -13.06 24.38
C ALA E 92 42.65 -11.78 23.59
N MET E 93 43.07 -11.81 22.33
CA MET E 93 42.79 -10.67 21.46
C MET E 93 41.31 -10.66 21.13
N TYR E 94 40.72 -9.48 21.08
CA TYR E 94 39.28 -9.37 20.85
C TYR E 94 39.00 -8.71 19.52
N TYR E 95 38.62 -9.49 18.53
CA TYR E 95 38.24 -8.92 17.27
C TYR E 95 36.79 -8.49 17.36
N CYS E 96 36.36 -7.69 16.40
CA CYS E 96 35.00 -7.19 16.36
C CYS E 96 34.46 -7.38 14.97
N VAL E 97 33.33 -8.06 14.86
CA VAL E 97 32.84 -8.58 13.61
C VAL E 97 31.49 -7.98 13.31
N ARG E 98 31.27 -7.64 12.05
CA ARG E 98 30.03 -7.07 11.56
C ARG E 98 29.21 -8.17 10.90
N SER E 99 27.90 -7.96 10.77
CA SER E 99 27.12 -8.95 10.05
C SER E 99 25.73 -8.40 9.76
N ILE E 100 25.21 -8.65 8.57
CA ILE E 100 23.86 -8.23 8.22
C ILE E 100 23.07 -9.45 7.77
N TYR E 101 21.82 -9.52 8.20
CA TYR E 101 20.97 -10.69 7.98
C TYR E 101 19.74 -10.29 7.19
N TYR E 102 19.66 -10.74 5.94
CA TYR E 102 18.44 -10.75 5.16
C TYR E 102 18.59 -11.86 4.12
N TYR E 103 17.66 -11.94 3.19
CA TYR E 103 17.74 -13.03 2.22
C TYR E 103 18.83 -12.73 1.20
N GLY E 104 19.86 -13.57 1.19
CA GLY E 104 20.93 -13.46 0.24
C GLY E 104 22.11 -12.63 0.68
N SER E 105 22.26 -12.39 1.97
CA SER E 105 23.35 -11.56 2.47
C SER E 105 24.52 -12.41 2.88
N SER E 106 25.64 -11.75 3.19
CA SER E 106 26.87 -12.42 3.57
C SER E 106 27.30 -12.01 4.99
N PRO E 107 26.93 -12.76 6.01
CA PRO E 107 27.35 -12.42 7.37
C PRO E 107 28.84 -12.59 7.55
N PHE E 108 29.38 -11.88 8.53
CA PHE E 108 30.82 -11.93 8.83
C PHE E 108 31.67 -11.48 7.65
N ASP E 109 31.15 -10.57 6.84
CA ASP E 109 31.90 -10.13 5.66
C ASP E 109 33.17 -9.37 6.03
N PHE E 110 33.13 -8.52 7.05
CA PHE E 110 34.29 -7.71 7.36
C PHE E 110 34.57 -7.81 8.85
N TRP E 111 35.84 -7.89 9.19
CA TRP E 111 36.32 -8.13 10.54
C TRP E 111 37.25 -7.00 10.96
N GLY E 112 37.20 -6.63 12.23
CA GLY E 112 38.11 -5.63 12.74
C GLY E 112 39.51 -6.18 12.91
N GLN E 113 40.40 -5.34 13.40
CA GLN E 113 41.78 -5.77 13.66
C GLN E 113 42.03 -6.15 15.11
N GLY E 114 41.20 -5.72 16.05
CA GLY E 114 41.30 -6.18 17.42
C GLY E 114 42.34 -5.51 18.30
N THR E 115 42.24 -5.83 19.58
CA THR E 115 43.06 -5.30 20.67
C THR E 115 43.68 -6.48 21.41
N THR E 116 44.67 -6.19 22.23
CA THR E 116 45.36 -7.21 23.00
C THR E 116 45.14 -6.94 24.49
N LEU E 117 44.55 -7.91 25.18
CA LEU E 117 44.25 -7.81 26.61
C LEU E 117 45.00 -8.89 27.36
N THR E 118 45.80 -8.50 28.33
CA THR E 118 46.55 -9.49 29.12
C THR E 118 46.15 -9.32 30.57
N VAL E 119 45.25 -10.17 31.03
CA VAL E 119 44.92 -10.19 32.45
C VAL E 119 46.10 -10.79 33.19
N SER E 120 46.64 -10.05 34.14
CA SER E 120 47.85 -10.51 34.79
C SER E 120 47.55 -11.69 35.70
N SER E 121 48.61 -12.39 36.09
CA SER E 121 48.48 -13.55 36.98
C SER E 121 49.72 -13.73 37.82
N SER E 136 25.51 -30.05 25.38
CA SER E 136 24.37 -29.77 24.51
C SER E 136 24.72 -28.74 23.44
N ASP E 137 25.98 -28.78 22.98
CA ASP E 137 26.48 -27.82 22.01
C ASP E 137 27.11 -28.56 20.83
N ILE E 138 26.97 -27.97 19.65
CA ILE E 138 27.43 -28.63 18.43
C ILE E 138 28.95 -28.57 18.36
N VAL E 139 29.59 -29.72 18.22
CA VAL E 139 31.04 -29.80 18.25
C VAL E 139 31.53 -29.93 16.82
N MET E 140 32.31 -28.95 16.39
CA MET E 140 32.96 -29.00 15.09
C MET E 140 34.31 -29.65 15.24
N THR E 141 34.83 -30.21 14.15
CA THR E 141 36.07 -30.93 14.22
C THR E 141 36.80 -30.89 12.89
N GLN E 142 38.06 -30.45 12.92
CA GLN E 142 38.99 -30.68 11.83
C GLN E 142 40.33 -30.98 12.48
N ALA E 143 41.00 -32.02 11.99
CA ALA E 143 42.07 -32.66 12.76
C ALA E 143 43.32 -32.84 11.94
N THR E 144 43.53 -32.00 10.94
CA THR E 144 44.78 -31.98 10.19
C THR E 144 45.49 -30.67 10.50
N SER E 145 46.76 -30.75 10.84
CA SER E 145 47.52 -29.57 11.17
C SER E 145 48.89 -29.61 10.49
N SER E 146 49.38 -28.43 10.14
CA SER E 146 50.68 -28.28 9.50
C SER E 146 50.82 -29.16 8.25
N VAL E 147 49.78 -29.14 7.42
CA VAL E 147 49.87 -29.92 6.18
C VAL E 147 50.81 -29.20 5.21
N PRO E 148 51.82 -29.87 4.66
CA PRO E 148 52.73 -29.20 3.73
C PRO E 148 52.13 -29.08 2.34
N VAL E 149 52.45 -27.97 1.68
CA VAL E 149 51.92 -27.69 0.36
C VAL E 149 52.99 -27.06 -0.52
N THR E 150 52.84 -27.24 -1.84
CA THR E 150 53.69 -26.72 -2.88
C THR E 150 52.87 -25.89 -3.84
N PRO E 151 53.33 -24.69 -4.23
CA PRO E 151 52.53 -23.84 -5.12
C PRO E 151 52.24 -24.54 -6.44
N GLY E 152 51.02 -24.34 -6.94
CA GLY E 152 50.56 -24.95 -8.17
C GLY E 152 49.83 -26.26 -7.98
N GLU E 153 49.77 -26.80 -6.77
CA GLU E 153 49.06 -28.04 -6.50
C GLU E 153 47.60 -27.79 -6.19
N SER E 154 46.84 -28.87 -6.07
CA SER E 154 45.44 -28.84 -5.68
C SER E 154 45.33 -29.40 -4.27
N VAL E 155 44.82 -28.61 -3.32
CA VAL E 155 44.81 -28.99 -1.92
C VAL E 155 43.38 -29.01 -1.39
N SER E 156 43.02 -30.08 -0.69
CA SER E 156 41.70 -30.23 -0.09
C SER E 156 41.82 -30.38 1.42
N ILE E 157 40.93 -29.70 2.14
CA ILE E 157 40.92 -29.67 3.60
C ILE E 157 39.52 -30.04 4.08
N SER E 158 39.42 -31.01 4.97
CA SER E 158 38.13 -31.57 5.33
C SER E 158 37.68 -31.10 6.72
N CYS E 159 36.36 -31.09 6.89
CA CYS E 159 35.71 -30.75 8.15
C CYS E 159 34.59 -31.75 8.42
N ARG E 160 34.21 -31.83 9.70
CA ARG E 160 33.17 -32.75 10.14
C ARG E 160 32.41 -32.11 11.29
N SER E 161 31.12 -32.44 11.40
CA SER E 161 30.28 -31.86 12.44
C SER E 161 29.56 -32.96 13.20
N SER E 162 28.98 -32.58 14.33
CA SER E 162 28.28 -33.53 15.19
C SER E 162 26.76 -33.42 15.11
N LYS E 163 26.22 -32.83 14.04
CA LYS E 163 24.78 -32.70 13.91
C LYS E 163 24.47 -32.17 12.52
N SER E 164 23.34 -32.61 11.97
CA SER E 164 22.99 -32.30 10.60
C SER E 164 22.70 -30.82 10.45
N LEU E 165 23.55 -30.12 9.71
CA LEU E 165 23.40 -28.69 9.48
C LEU E 165 22.38 -28.37 8.41
N LEU E 166 21.82 -29.37 7.74
CA LEU E 166 20.85 -29.14 6.67
C LEU E 166 19.50 -28.86 7.27
N HIS E 167 19.03 -27.64 7.13
CA HIS E 167 17.72 -27.28 7.64
C HIS E 167 16.66 -27.72 6.63
N SER E 168 15.40 -27.70 7.05
CA SER E 168 14.33 -28.17 6.18
C SER E 168 14.27 -27.37 4.88
N ASN E 169 14.55 -26.07 4.92
CA ASN E 169 14.48 -25.21 3.74
C ASN E 169 15.59 -25.43 2.71
N GLY E 170 16.62 -26.23 3.01
CA GLY E 170 17.66 -26.51 2.04
C GLY E 170 18.97 -25.79 2.24
N ASN E 171 19.05 -24.85 3.17
CA ASN E 171 20.29 -24.15 3.48
C ASN E 171 21.07 -24.90 4.54
N THR E 172 22.36 -25.14 4.28
CA THR E 172 23.24 -25.69 5.29
C THR E 172 24.21 -24.59 5.70
N TYR E 173 24.23 -24.29 6.99
CA TYR E 173 24.85 -23.08 7.52
C TYR E 173 26.27 -23.46 7.91
N LEU E 174 27.22 -23.25 7.00
CA LEU E 174 28.61 -23.49 7.35
C LEU E 174 29.55 -22.53 6.63
N TYR E 175 30.26 -21.73 7.41
CA TYR E 175 31.09 -20.63 6.98
C TYR E 175 32.56 -21.05 7.05
N TRP E 176 33.39 -20.47 6.19
CA TRP E 176 34.82 -20.76 6.18
C TRP E 176 35.61 -19.47 6.34
N PHE E 177 36.81 -19.55 6.92
CA PHE E 177 37.60 -18.34 7.11
C PHE E 177 39.08 -18.65 6.89
N LEU E 178 39.89 -17.59 6.90
CA LEU E 178 41.33 -17.63 6.61
C LEU E 178 42.09 -16.54 7.33
N GLN E 179 43.08 -16.93 8.11
CA GLN E 179 43.90 -16.00 8.87
C GLN E 179 45.35 -16.15 8.41
N ARG E 180 45.80 -15.21 7.59
CA ARG E 180 47.18 -15.13 7.18
C ARG E 180 48.03 -14.73 8.39
N PRO E 181 49.30 -15.06 8.39
CA PRO E 181 50.10 -14.78 9.60
C PRO E 181 50.29 -13.30 9.86
N GLY E 182 49.68 -12.79 10.92
CA GLY E 182 49.78 -11.39 11.26
C GLY E 182 48.64 -10.49 10.80
N GLN E 183 47.55 -11.04 10.31
CA GLN E 183 46.43 -10.23 9.84
C GLN E 183 45.15 -10.76 10.45
N SER E 184 44.08 -10.00 10.29
CA SER E 184 42.78 -10.45 10.76
C SER E 184 42.18 -11.45 9.79
N PRO E 185 41.26 -12.29 10.25
CA PRO E 185 40.66 -13.30 9.37
C PRO E 185 39.69 -12.72 8.36
N GLN E 186 39.30 -13.57 7.41
CA GLN E 186 38.64 -13.12 6.18
C GLN E 186 37.65 -14.16 5.71
N LEU E 187 36.45 -13.72 5.35
CA LEU E 187 35.41 -14.63 4.90
C LEU E 187 35.73 -15.18 3.51
N LEU E 188 35.63 -16.51 3.34
CA LEU E 188 35.85 -17.11 2.04
C LEU E 188 34.60 -17.75 1.45
N ILE E 189 33.85 -18.50 2.25
CA ILE E 189 32.62 -19.12 1.76
C ILE E 189 31.48 -19.00 2.76
N TYR E 190 30.50 -18.17 2.48
CA TYR E 190 29.36 -17.90 3.32
C TYR E 190 28.44 -19.02 3.66
N ARG E 191 28.20 -19.91 2.72
CA ARG E 191 27.38 -21.07 3.03
C ARG E 191 27.80 -22.19 2.11
N MET E 192 27.07 -23.29 2.12
CA MET E 192 27.45 -24.36 1.22
C MET E 192 27.37 -23.89 -0.23
N SER E 193 28.39 -24.24 -1.00
CA SER E 193 28.44 -23.91 -2.43
C SER E 193 28.28 -22.43 -2.73
N ASN E 194 28.92 -21.56 -1.95
CA ASN E 194 28.85 -20.13 -2.21
C ASN E 194 30.25 -19.54 -2.08
N LEU E 195 30.50 -18.47 -2.81
CA LEU E 195 31.79 -17.81 -2.79
C LEU E 195 31.65 -16.35 -2.37
N ALA E 196 32.37 -15.97 -1.32
CA ALA E 196 32.28 -14.62 -0.80
C ALA E 196 32.78 -13.63 -1.85
N SER E 197 32.11 -12.49 -1.93
CA SER E 197 32.48 -11.47 -2.91
C SER E 197 33.86 -10.90 -2.61
N GLY E 198 34.63 -10.65 -3.66
CA GLY E 198 35.94 -10.09 -3.49
C GLY E 198 37.05 -11.08 -3.29
N VAL E 199 36.78 -12.37 -3.45
CA VAL E 199 37.80 -13.39 -3.26
C VAL E 199 38.08 -14.09 -4.58
N PRO E 200 39.29 -14.60 -4.82
CA PRO E 200 39.55 -15.30 -6.08
C PRO E 200 38.69 -16.53 -6.22
N ASP E 201 38.45 -16.92 -7.46
CA ASP E 201 37.54 -18.01 -7.78
C ASP E 201 38.18 -19.38 -7.56
N ARG E 202 39.45 -19.40 -7.14
CA ARG E 202 40.13 -20.68 -6.92
C ARG E 202 39.43 -21.52 -5.88
N PHE E 203 39.01 -20.90 -4.79
CA PHE E 203 38.38 -21.58 -3.66
C PHE E 203 37.02 -22.15 -4.02
N SER E 204 36.74 -23.36 -3.53
CA SER E 204 35.39 -23.88 -3.72
C SER E 204 35.12 -24.93 -2.67
N GLY E 205 33.87 -25.03 -2.24
CA GLY E 205 33.56 -26.01 -1.22
C GLY E 205 32.25 -26.74 -1.40
N SER E 206 32.31 -28.06 -1.36
CA SER E 206 31.16 -28.92 -1.57
C SER E 206 31.03 -29.89 -0.40
N GLY E 207 29.87 -29.89 0.24
CA GLY E 207 29.60 -30.81 1.33
C GLY E 207 28.33 -31.60 1.06
N SER E 208 28.02 -32.48 2.02
CA SER E 208 26.77 -33.23 1.97
C SER E 208 26.48 -33.76 3.35
N GLY E 209 25.36 -33.37 3.94
CA GLY E 209 25.07 -33.81 5.29
C GLY E 209 25.96 -33.16 6.32
N THR E 210 26.84 -33.96 6.93
CA THR E 210 27.78 -33.49 7.95
C THR E 210 29.20 -33.85 7.59
N ALA E 211 29.55 -33.75 6.32
CA ALA E 211 30.91 -33.94 5.83
C ALA E 211 31.21 -32.77 4.92
N PHE E 212 32.33 -32.09 5.14
CA PHE E 212 32.60 -30.92 4.33
C PHE E 212 34.06 -30.91 3.87
N THR E 213 34.33 -30.10 2.83
CA THR E 213 35.67 -29.95 2.30
C THR E 213 35.79 -28.62 1.59
N LEU E 214 37.00 -28.08 1.62
CA LEU E 214 37.38 -26.86 0.93
C LEU E 214 38.49 -27.26 -0.02
N THR E 215 38.38 -26.87 -1.28
CA THR E 215 39.36 -27.27 -2.29
C THR E 215 39.90 -26.06 -3.02
N ILE E 216 41.22 -26.04 -3.15
CA ILE E 216 41.96 -24.98 -3.81
C ILE E 216 42.57 -25.63 -5.06
N SER E 217 42.13 -25.19 -6.24
CA SER E 217 42.54 -25.88 -7.46
C SER E 217 44.02 -25.67 -7.77
N ARG E 218 44.45 -24.43 -7.96
CA ARG E 218 45.86 -24.13 -8.14
C ARG E 218 46.19 -22.91 -7.27
N LEU E 219 46.98 -23.12 -6.23
CA LEU E 219 47.24 -22.08 -5.25
C LEU E 219 48.55 -21.34 -5.50
N GLU E 220 48.52 -20.04 -5.25
CA GLU E 220 49.73 -19.23 -5.19
C GLU E 220 50.26 -19.26 -3.76
N ALA E 221 51.40 -18.63 -3.53
CA ALA E 221 52.02 -18.66 -2.21
C ALA E 221 51.58 -17.50 -1.32
N GLU E 222 50.53 -16.79 -1.70
CA GLU E 222 50.07 -15.71 -0.83
C GLU E 222 49.10 -16.20 0.23
N ASP E 223 48.36 -17.27 -0.05
CA ASP E 223 47.40 -17.83 0.90
C ASP E 223 48.03 -19.01 1.62
N VAL E 224 48.90 -18.68 2.57
CA VAL E 224 49.53 -19.67 3.43
C VAL E 224 49.16 -19.25 4.86
N GLY E 225 48.08 -19.81 5.37
CA GLY E 225 47.56 -19.39 6.66
C GLY E 225 46.51 -20.37 7.13
N VAL E 226 46.01 -20.13 8.31
CA VAL E 226 45.15 -21.09 8.99
C VAL E 226 43.70 -20.91 8.58
N TYR E 227 42.99 -22.01 8.38
CA TYR E 227 41.61 -22.01 7.94
C TYR E 227 40.71 -22.44 9.08
N TYR E 228 39.55 -21.80 9.18
CA TYR E 228 38.62 -22.14 10.25
C TYR E 228 37.25 -22.37 9.64
N CYS E 229 36.36 -22.96 10.43
CA CYS E 229 35.05 -23.35 9.95
C CYS E 229 34.04 -23.14 11.07
N MET E 230 32.87 -22.66 10.71
CA MET E 230 31.91 -22.27 11.72
C MET E 230 30.53 -22.76 11.34
N GLN E 231 29.79 -23.30 12.30
CA GLN E 231 28.36 -23.50 12.12
C GLN E 231 27.62 -22.26 12.59
N HIS E 232 26.63 -21.83 11.85
CA HIS E 232 25.90 -20.65 12.26
C HIS E 232 24.46 -20.96 12.47
N LEU E 233 24.18 -22.24 12.57
CA LEU E 233 22.84 -22.79 12.74
C LEU E 233 22.10 -22.45 14.01
N GLU E 234 22.75 -22.47 15.17
CA GLU E 234 22.09 -22.13 16.41
C GLU E 234 23.15 -21.68 17.36
N TYR E 235 22.84 -20.78 18.28
CA TYR E 235 23.85 -20.31 19.24
C TYR E 235 24.21 -21.44 20.16
N PRO E 236 25.48 -21.52 20.75
CA PRO E 236 26.40 -20.42 20.50
C PRO E 236 27.56 -20.44 19.46
N LEU E 237 27.32 -20.61 18.18
CA LEU E 237 28.39 -20.50 17.19
C LEU E 237 29.79 -21.08 17.45
N THR E 238 29.95 -22.37 17.62
CA THR E 238 31.27 -22.94 17.84
C THR E 238 32.09 -22.89 16.57
N PHE E 239 33.40 -22.84 16.70
CA PHE E 239 34.35 -22.78 15.60
C PHE E 239 35.15 -24.05 15.70
N GLY E 240 35.79 -24.43 14.63
CA GLY E 240 36.61 -25.63 14.60
C GLY E 240 38.04 -25.31 14.95
N ALA E 241 38.80 -26.36 15.24
CA ALA E 241 40.20 -26.16 15.54
C ALA E 241 40.93 -25.64 14.31
N GLY E 242 42.23 -25.40 14.44
CA GLY E 242 42.99 -24.85 13.34
C GLY E 242 43.44 -25.89 12.32
N THR E 243 43.80 -25.41 11.12
CA THR E 243 44.38 -26.22 10.04
C THR E 243 45.46 -25.39 9.35
N LYS E 244 46.70 -25.51 9.80
CA LYS E 244 47.77 -24.65 9.32
C LYS E 244 48.43 -25.21 8.08
N LEU E 245 48.50 -24.41 7.01
CA LEU E 245 49.25 -24.76 5.82
C LEU E 245 50.67 -24.24 5.95
N GLU E 246 51.65 -25.13 5.97
CA GLU E 246 53.05 -24.74 6.02
C GLU E 246 53.66 -24.84 4.63
N LEU E 247 54.64 -23.99 4.37
CA LEU E 247 55.29 -23.99 3.06
C LEU E 247 56.73 -24.49 3.15
N KCA F . -36.59 -6.72 34.59
CA KCA F . -37.79 -7.57 34.71
C KCA F . -38.57 -7.23 36.01
O KCA F . -39.63 -6.61 35.88
CB KCA F . -37.36 -9.04 34.53
CG1 KCA F . -38.62 -9.91 34.53
CG2 KCA F . -36.70 -9.14 33.16
CAB KCA F . -36.76 -5.41 34.36
CAG KCA F . -38.94 -7.17 38.30
CAL KCA F . -36.34 -9.59 35.53
CAM KCA F . -35.63 -4.68 34.28
CAP KCA F . -32.10 -4.24 34.30
CAQ KCA F . -31.72 -3.98 35.62
CAR KCA F . -32.52 -3.44 36.61
CAS KCA F . -32.05 -3.22 37.89
CAT KCA F . -30.75 -3.56 38.18
CAV KCA F . -29.91 -4.10 37.23
CAW KCA F . -30.46 -4.28 35.99
CAX KCA F . -34.22 -3.10 33.95
CAY KCA F . -35.51 -3.37 33.99
CAZ KCA F . -36.39 -2.40 33.76
CBA KCA F . -35.96 -1.12 33.51
CBB KCA F . -34.62 -0.84 33.49
CBC KCA F . -33.73 -1.88 33.74
FAU KCA F . -30.36 -3.40 39.20
NAN KCA F . -34.43 -5.21 34.43
NAO KCA F . -33.55 -4.21 34.23
OAA KCA F . -37.89 -4.95 34.14
OAF KCA F . -38.05 -7.55 37.24
C1 CLR G . -13.86 12.23 28.73
C2 CLR G . -14.27 11.56 30.03
C3 CLR G . -14.57 10.08 29.79
C4 CLR G . -13.30 9.39 29.31
C5 CLR G . -12.73 10.12 28.11
C6 CLR G . -12.34 9.38 27.05
C7 CLR G . -11.85 10.00 25.75
C8 CLR G . -11.33 11.40 25.99
C9 CLR G . -12.34 12.23 26.77
C10 CLR G . -12.58 11.63 28.16
C11 CLR G . -11.96 13.71 26.88
C12 CLR G . -11.54 14.34 25.56
C13 CLR G . -10.44 13.49 24.95
C14 CLR G . -11.03 12.12 24.69
C15 CLR G . -10.05 11.45 23.71
C16 CLR G . -9.46 12.62 22.91
C17 CLR G . -9.94 13.91 23.58
C18 CLR G . -9.28 13.39 25.94
C19 CLR G . -11.40 11.96 29.07
C20 CLR G . -8.86 14.98 23.60
C21 CLR G . -9.37 16.26 24.28
C22 CLR G . -8.33 15.27 22.20
C23 CLR G . -7.27 14.26 21.80
C24 CLR G . -6.15 14.92 21.02
C25 CLR G . -5.49 13.93 20.07
C26 CLR G . -6.48 13.40 19.05
C27 CLR G . -4.28 14.55 19.38
O1 CLR G . -15.00 9.48 31.01
C1 CLR H . -8.27 2.79 23.55
C2 CLR H . -7.01 2.88 22.71
C3 CLR H . -6.58 4.33 22.67
C4 CLR H . -6.04 4.68 24.03
C5 CLR H . -7.12 4.48 25.06
C6 CLR H . -7.18 5.34 26.09
C7 CLR H . -8.51 5.83 26.61
C8 CLR H . -9.46 4.64 26.69
C9 CLR H . -9.52 3.86 25.38
C10 CLR H . -8.14 3.36 24.96
C11 CLR H . -10.53 2.71 25.44
C12 CLR H . -11.90 3.14 25.95
C13 CLR H . -11.74 3.85 27.27
C14 CLR H . -10.87 5.06 27.04
C15 CLR H . -11.02 5.92 28.28
C16 CLR H . -12.41 5.57 28.80
C17 CLR H . -12.97 4.47 27.91
C18 CLR H . -11.07 2.90 28.26
C19 CLR H . -7.68 2.25 25.90
C20 CLR H . -13.84 3.46 28.64
C21 CLR H . -14.80 2.76 27.68
C22 CLR H . -14.63 4.08 29.78
C23 CLR H . -15.54 3.06 30.44
C24 CLR H . -16.84 2.95 29.68
C25 CLR H . -17.22 1.47 29.62
C26 CLR H . -18.68 1.28 30.00
C27 CLR H . -16.89 0.90 28.25
O1 CLR H . -5.57 4.52 21.67
#